data_5OSN
#
_entry.id   5OSN
#
_cell.length_a   436.600
_cell.length_b   436.600
_cell.length_c   436.600
_cell.angle_alpha   90.00
_cell.angle_beta   90.00
_cell.angle_gamma   90.00
#
_symmetry.space_group_name_H-M   'F 2 3'
#
loop_
_entity.id
_entity.type
_entity.pdbx_description
1 polymer 'Capsid protein'
2 polymer 'Capsid protein'
3 polymer 'Capsid protein'
4 polymer 'Capsid protein'
5 non-polymer SPHINGOSINE
6 non-polymer 'POTASSIUM ION'
7 non-polymer 'GLUTAMIC ACID'
8 non-polymer 'octyl sulfate'
9 non-polymer 'SULFATE ION'
10 water water
#
loop_
_entity_poly.entity_id
_entity_poly.type
_entity_poly.pdbx_seq_one_letter_code
_entity_poly.pdbx_strand_id
1 'polypeptide(L)'
;GETGQVIKSAVRSTVENTVQSTHSITTEATPALQAAETGATSNASDESMIETRNVVNTHGVAETSLEAFYGRAGLVAMFS
TDGGIYRWYINFGEYVQLRAKLELLTYARFDMEFTIVAQVVNAQSKVQDFNVDYQVMFVPPGASVPENQDSYQWQSSCNP
SVISNTGLPPARVSVPFMSSANAYSFSYDGYTQFGDASGSSYGIVPSNYLGMLVVRTCEDLDGTRLRVRVYAKPKHVKGW
IPRSPRMTPYKSRYTGVYTDTTKFCANRARITTAG
;
A
2 'polypeptide(L)'
;SAEACGYSDRVAQLTLGNSTITTQEAANIVVGYGRWPTSLRDTDATAVDKPTQPGVSAERFYTLPSVQWTNSFKGHYWKL
PDALSELGLFGQNLQFHYLYRGGWVIHVQCNATKFHQGTLLVVATPEHKIQSAESPAFARTNPGEQGAAYQFPFTFEDGT
ALGNALIYPHQWVNLRTNNSATLVLPYVNALPMDSGIRHNNWTLSVIPIVPLEYAAGATTYVPITVTIAPMCTEYNGLRA
AVTQ
;
B
3 'polypeptide(L)'
;GIPTLYTPGSGQFLTTDDFQTPCMLPKFQPTPVIDIPGEVKNFLEVVQVESLVEINNVESAEGVARYRIPLNVQDAMDGQ
IMALRVDPGIDGPMQSTLLGVFTRYYAQWSGSLDFTFMFCGTFMTTGKVIIAYTPPGGDQPTNRRQAMLGTHVVWDFGLQ
SSITLVVPWISSGHFRGTTLENTIYKYRYYEAGYITMWYQTNMVVPPNFPTTASILMFVAAQPNFSLRILKDRPDISQEG
ALQ
;
C
4 'polypeptide(L)' MGAQMSKNTAGSHTTGTYATGGSNIHYTNINYYENAASNSLNKQDFTQDPEKFTRPVVDVMKEAAVPLKSP D
#
# COMPACT_ATOMS: atom_id res chain seq x y z
N GLN A 5 -19.86 5.60 -0.06
CA GLN A 5 -20.28 6.94 -0.56
C GLN A 5 -20.83 6.84 -1.99
N VAL A 6 -20.01 7.24 -2.96
CA VAL A 6 -20.38 7.21 -4.37
C VAL A 6 -20.10 5.84 -5.01
N ILE A 7 -18.93 5.28 -4.72
CA ILE A 7 -18.53 3.98 -5.28
C ILE A 7 -18.91 2.82 -4.36
N LYS A 8 -19.76 1.93 -4.86
CA LYS A 8 -20.20 0.76 -4.09
C LYS A 8 -19.31 -0.46 -4.27
N SER A 9 -19.30 -1.30 -3.25
CA SER A 9 -18.48 -2.51 -3.26
C SER A 9 -19.33 -3.78 -3.14
N ALA A 10 -19.50 -4.48 -4.25
CA ALA A 10 -20.25 -5.73 -4.30
C ALA A 10 -19.39 -6.87 -3.74
N VAL A 11 -19.99 -7.94 -3.28
CA VAL A 11 -19.21 -9.06 -2.74
C VAL A 11 -19.27 -10.32 -3.61
N ARG A 12 -18.14 -11.01 -3.76
CA ARG A 12 -18.10 -12.22 -4.55
C ARG A 12 -17.17 -13.30 -3.96
N SER A 13 -17.45 -14.57 -4.31
CA SER A 13 -16.70 -15.74 -3.83
C SER A 13 -15.88 -16.51 -4.89
N THR A 14 -15.95 -16.07 -6.15
CA THR A 14 -15.19 -16.70 -7.23
C THR A 14 -14.74 -15.60 -8.17
N VAL A 15 -13.66 -15.85 -8.91
CA VAL A 15 -13.19 -14.87 -9.87
C VAL A 15 -14.16 -14.85 -11.04
N GLU A 16 -14.08 -13.83 -11.87
CA GLU A 16 -14.98 -13.66 -13.01
C GLU A 16 -14.85 -14.64 -14.19
N ASN A 17 -15.99 -15.08 -14.73
CA ASN A 17 -15.97 -15.97 -15.88
C ASN A 17 -15.52 -15.21 -17.11
N THR A 18 -15.32 -15.96 -18.17
CA THR A 18 -14.95 -15.42 -19.46
C THR A 18 -16.13 -15.85 -20.32
N VAL A 19 -16.68 -14.92 -21.09
CA VAL A 19 -17.79 -15.27 -21.98
C VAL A 19 -17.32 -15.07 -23.43
N GLN A 20 -17.89 -15.85 -24.33
CA GLN A 20 -17.49 -15.81 -25.73
C GLN A 20 -17.70 -14.46 -26.40
N SER A 21 -16.70 -14.01 -27.14
CA SER A 21 -16.84 -12.75 -27.86
C SER A 21 -16.63 -13.02 -29.33
N THR A 22 -16.84 -11.98 -30.14
CA THR A 22 -16.66 -12.10 -31.56
C THR A 22 -15.85 -10.92 -32.04
N HIS A 23 -15.61 -10.87 -33.35
CA HIS A 23 -14.82 -9.78 -33.92
C HIS A 23 -15.61 -8.49 -33.86
N SER A 24 -14.90 -7.39 -34.13
CA SER A 24 -15.47 -6.04 -34.07
C SER A 24 -14.75 -5.09 -35.03
N ILE A 25 -15.49 -4.45 -35.92
CA ILE A 25 -14.92 -3.47 -36.86
C ILE A 25 -15.87 -2.30 -36.72
N THR A 26 -15.46 -1.31 -35.91
CA THR A 26 -16.33 -0.18 -35.60
C THR A 26 -15.61 1.10 -35.19
N THR A 27 -16.38 2.18 -35.13
CA THR A 27 -15.83 3.46 -34.71
C THR A 27 -16.55 3.94 -33.46
N GLU A 28 -17.52 3.17 -32.98
CA GLU A 28 -18.26 3.58 -31.80
C GLU A 28 -17.66 3.03 -30.50
N ALA A 29 -17.11 1.82 -30.59
CA ALA A 29 -16.53 1.14 -29.43
C ALA A 29 -15.03 0.97 -29.48
N THR A 30 -14.31 1.72 -28.65
CA THR A 30 -12.86 1.60 -28.62
C THR A 30 -12.41 1.31 -27.19
N PRO A 31 -12.65 0.09 -26.70
CA PRO A 31 -12.24 -0.26 -25.32
C PRO A 31 -10.75 -0.23 -25.00
N ALA A 32 -9.91 -0.37 -26.02
CA ALA A 32 -8.47 -0.38 -25.82
C ALA A 32 -7.86 0.98 -25.51
N LEU A 33 -8.59 2.06 -25.82
CA LEU A 33 -8.09 3.42 -25.59
C LEU A 33 -8.26 3.85 -24.14
N GLN A 34 -7.18 4.19 -23.45
CA GLN A 34 -7.33 4.60 -22.07
C GLN A 34 -6.62 5.91 -21.78
N ALA A 35 -6.75 6.37 -20.54
CA ALA A 35 -6.11 7.61 -20.12
C ALA A 35 -5.69 7.46 -18.66
N ALA A 36 -4.46 7.04 -18.48
CA ALA A 36 -3.94 6.85 -17.15
C ALA A 36 -3.91 8.11 -16.31
N GLU A 37 -3.94 9.29 -16.94
CA GLU A 37 -3.88 10.55 -16.19
C GLU A 37 -5.05 10.71 -15.21
N THR A 38 -6.21 10.13 -15.55
CA THR A 38 -7.39 10.28 -14.71
C THR A 38 -7.26 9.73 -13.30
N GLY A 39 -6.37 8.76 -13.11
CA GLY A 39 -6.17 8.16 -11.79
C GLY A 39 -6.85 6.79 -11.74
N ALA A 40 -7.50 6.47 -12.84
CA ALA A 40 -8.19 5.21 -12.95
C ALA A 40 -7.34 4.13 -13.60
N THR A 41 -7.62 2.89 -13.24
CA THR A 41 -6.95 1.73 -13.79
C THR A 41 -7.75 1.38 -15.07
N SER A 42 -7.06 0.89 -16.07
CA SER A 42 -7.71 0.51 -17.32
C SER A 42 -8.94 -0.34 -17.06
N ASN A 43 -9.94 -0.26 -17.92
CA ASN A 43 -11.12 -1.08 -17.74
C ASN A 43 -11.39 -1.88 -19.01
N ALA A 44 -10.36 -2.07 -19.83
CA ALA A 44 -10.47 -2.85 -21.06
C ALA A 44 -10.53 -4.29 -20.57
N SER A 45 -11.50 -5.05 -21.05
CA SER A 45 -11.60 -6.44 -20.61
C SER A 45 -11.15 -7.47 -21.66
N ASP A 46 -10.88 -8.69 -21.20
CA ASP A 46 -10.43 -9.78 -22.07
C ASP A 46 -11.27 -9.90 -23.32
N GLU A 47 -12.58 -10.03 -23.12
CA GLU A 47 -13.56 -10.16 -24.19
C GLU A 47 -13.49 -9.09 -25.29
N SER A 48 -12.99 -7.90 -24.94
CA SER A 48 -12.89 -6.75 -25.85
C SER A 48 -11.60 -6.58 -26.66
N MET A 49 -10.55 -7.25 -26.20
CA MET A 49 -9.25 -7.17 -26.84
C MET A 49 -8.98 -8.34 -27.78
N ILE A 50 -9.66 -9.46 -27.55
CA ILE A 50 -9.49 -10.64 -28.39
C ILE A 50 -10.79 -11.44 -28.46
N GLU A 51 -10.84 -12.39 -29.38
CA GLU A 51 -12.02 -13.23 -29.48
C GLU A 51 -11.80 -14.35 -28.48
N THR A 52 -12.68 -14.40 -27.48
CA THR A 52 -12.58 -15.39 -26.40
C THR A 52 -13.68 -16.46 -26.50
N ARG A 53 -13.54 -17.49 -25.68
CA ARG A 53 -14.49 -18.59 -25.61
C ARG A 53 -15.17 -18.48 -24.25
N ASN A 54 -16.06 -19.41 -23.96
CA ASN A 54 -16.73 -19.40 -22.67
C ASN A 54 -15.88 -20.19 -21.70
N VAL A 55 -15.72 -19.65 -20.49
CA VAL A 55 -14.98 -20.33 -19.45
C VAL A 55 -15.68 -20.05 -18.13
N VAL A 56 -16.29 -21.10 -17.56
CA VAL A 56 -16.96 -21.02 -16.26
C VAL A 56 -15.81 -21.14 -15.27
N ASN A 57 -15.36 -20.01 -14.73
CA ASN A 57 -14.23 -20.02 -13.83
C ASN A 57 -14.70 -20.16 -12.39
N THR A 58 -14.25 -21.18 -11.69
CA THR A 58 -14.67 -21.35 -10.31
C THR A 58 -13.54 -21.17 -9.32
N HIS A 59 -12.38 -20.71 -9.81
CA HIS A 59 -11.24 -20.51 -8.93
C HIS A 59 -11.72 -19.60 -7.82
N GLY A 60 -11.47 -20.01 -6.58
CA GLY A 60 -11.90 -19.21 -5.44
C GLY A 60 -10.99 -18.04 -5.09
N VAL A 61 -11.41 -17.25 -4.11
CA VAL A 61 -10.65 -16.10 -3.68
C VAL A 61 -10.37 -16.13 -2.18
N ALA A 62 -10.58 -17.27 -1.53
CA ALA A 62 -10.40 -17.34 -0.08
C ALA A 62 -9.04 -17.11 0.54
N GLU A 63 -7.98 -17.68 -0.02
CA GLU A 63 -6.66 -17.52 0.59
C GLU A 63 -6.00 -16.13 0.51
N THR A 64 -6.69 -15.16 -0.11
CA THR A 64 -6.16 -13.80 -0.21
C THR A 64 -7.01 -12.83 0.64
N SER A 65 -7.93 -13.37 1.44
CA SER A 65 -8.77 -12.54 2.28
C SER A 65 -7.88 -12.04 3.42
N LEU A 66 -8.27 -10.98 4.10
CA LEU A 66 -7.45 -10.51 5.19
C LEU A 66 -7.22 -11.61 6.20
N GLU A 67 -8.29 -12.31 6.55
CA GLU A 67 -8.24 -13.40 7.52
C GLU A 67 -7.36 -14.59 7.13
N ALA A 68 -7.27 -14.88 5.84
CA ALA A 68 -6.46 -16.01 5.42
C ALA A 68 -4.98 -15.62 5.29
N PHE A 69 -4.75 -14.34 5.01
CA PHE A 69 -3.38 -13.82 4.85
C PHE A 69 -2.71 -13.61 6.20
N TYR A 70 -3.46 -13.04 7.14
CA TYR A 70 -2.95 -12.72 8.48
C TYR A 70 -3.12 -13.79 9.54
N GLY A 71 -4.15 -14.63 9.36
CA GLY A 71 -4.49 -15.68 10.31
C GLY A 71 -3.60 -16.87 10.58
N ARG A 72 -2.35 -16.64 10.99
CA ARG A 72 -1.43 -17.72 11.30
C ARG A 72 -0.32 -17.17 12.16
N ALA A 73 0.14 -18.00 13.09
CA ALA A 73 1.16 -17.58 14.03
C ALA A 73 2.48 -17.20 13.37
N GLY A 74 3.16 -16.23 13.96
CA GLY A 74 4.45 -15.76 13.48
C GLY A 74 5.29 -15.27 14.67
N LEU A 75 6.62 -15.43 14.61
CA LEU A 75 7.51 -15.03 15.72
C LEU A 75 7.56 -13.53 15.95
N VAL A 76 7.35 -13.09 17.19
CA VAL A 76 7.41 -11.66 17.54
C VAL A 76 8.42 -11.36 18.65
N ALA A 77 8.93 -12.40 19.31
CA ALA A 77 9.91 -12.19 20.36
C ALA A 77 10.69 -13.46 20.70
N MET A 78 11.96 -13.27 21.05
CA MET A 78 12.82 -14.37 21.45
C MET A 78 13.85 -13.82 22.42
N PHE A 79 14.04 -14.50 23.54
CA PHE A 79 14.96 -14.06 24.59
C PHE A 79 15.30 -15.10 25.67
N SER A 80 16.28 -14.80 26.52
CA SER A 80 16.68 -15.70 27.61
C SER A 80 16.70 -14.90 28.89
N THR A 81 16.47 -15.59 30.00
CA THR A 81 16.46 -14.93 31.28
C THR A 81 17.87 -14.69 31.76
N ASP A 82 18.00 -13.68 32.60
CA ASP A 82 19.26 -13.26 33.16
C ASP A 82 18.96 -13.04 34.64
N GLY A 83 19.17 -14.08 35.44
CA GLY A 83 18.89 -13.95 36.85
C GLY A 83 17.49 -14.47 37.10
N GLY A 84 17.02 -15.33 36.20
CA GLY A 84 15.70 -15.91 36.34
C GLY A 84 14.55 -14.95 36.04
N ILE A 85 14.81 -13.94 35.23
CA ILE A 85 13.77 -12.97 34.91
C ILE A 85 14.15 -12.26 33.62
N TYR A 86 13.15 -11.72 32.93
CA TYR A 86 13.39 -10.96 31.71
C TYR A 86 12.17 -10.11 31.45
N ARG A 87 12.37 -8.85 31.05
CA ARG A 87 11.25 -7.95 30.77
C ARG A 87 11.28 -7.58 29.31
N TRP A 88 10.23 -7.91 28.57
CA TRP A 88 10.15 -7.58 27.15
C TRP A 88 9.05 -6.55 26.92
N TYR A 89 9.30 -5.52 26.13
CA TYR A 89 8.27 -4.50 25.82
C TYR A 89 7.44 -5.01 24.64
N ILE A 90 6.13 -5.10 24.82
CA ILE A 90 5.29 -5.62 23.75
C ILE A 90 5.28 -4.67 22.56
N ASN A 91 6.06 -5.04 21.54
CA ASN A 91 6.19 -4.31 20.26
C ASN A 91 6.66 -5.30 19.18
N PHE A 92 6.07 -5.24 18.00
CA PHE A 92 6.42 -6.15 16.93
C PHE A 92 7.43 -5.70 15.90
N GLY A 93 8.41 -4.90 16.30
CA GLY A 93 9.39 -4.47 15.32
C GLY A 93 10.71 -5.21 15.35
N GLU A 94 10.86 -6.16 16.28
CA GLU A 94 12.10 -6.95 16.46
C GLU A 94 12.37 -7.90 15.28
N TYR A 95 11.31 -8.58 14.84
CA TYR A 95 11.37 -9.55 13.75
C TYR A 95 10.59 -9.01 12.56
N VAL A 96 11.25 -8.93 11.41
CA VAL A 96 10.66 -8.32 10.22
C VAL A 96 9.54 -8.96 9.43
N GLN A 97 9.41 -10.28 9.46
CA GLN A 97 8.37 -10.92 8.67
C GLN A 97 6.93 -10.52 8.99
N LEU A 98 6.51 -10.68 10.23
CA LEU A 98 5.14 -10.32 10.62
C LEU A 98 4.97 -8.81 10.59
N ARG A 99 6.06 -8.10 10.81
CA ARG A 99 6.02 -6.65 10.79
C ARG A 99 5.70 -6.18 9.38
N ALA A 100 6.43 -6.69 8.38
CA ALA A 100 6.20 -6.29 6.98
C ALA A 100 4.78 -6.61 6.50
N LYS A 101 4.13 -7.59 7.12
CA LYS A 101 2.76 -7.98 6.75
C LYS A 101 1.72 -6.99 7.29
N LEU A 102 1.83 -6.69 8.58
CA LEU A 102 0.95 -5.72 9.22
C LEU A 102 1.01 -4.33 8.56
N GLU A 103 2.19 -3.94 8.08
CA GLU A 103 2.36 -2.64 7.44
C GLU A 103 1.83 -2.55 6.01
N LEU A 104 0.95 -3.48 5.64
CA LEU A 104 0.35 -3.50 4.29
C LEU A 104 -1.01 -2.80 4.40
N LEU A 105 -1.44 -2.59 5.65
CA LEU A 105 -2.68 -1.88 5.96
C LEU A 105 -2.28 -0.62 6.74
N THR A 106 -3.08 0.45 6.65
CA THR A 106 -2.80 1.69 7.38
C THR A 106 -3.42 1.56 8.80
N TYR A 107 -4.70 1.18 8.86
CA TYR A 107 -5.40 0.98 10.13
C TYR A 107 -5.96 -0.45 10.10
N ALA A 108 -6.06 -1.06 11.28
CA ALA A 108 -6.60 -2.41 11.36
C ALA A 108 -7.01 -2.74 12.79
N ARG A 109 -8.00 -3.60 12.91
CA ARG A 109 -8.49 -4.04 14.21
C ARG A 109 -8.42 -5.55 14.19
N PHE A 110 -7.89 -6.15 15.25
CA PHE A 110 -7.82 -7.60 15.31
C PHE A 110 -7.54 -8.11 16.71
N ASP A 111 -8.01 -9.34 16.97
CA ASP A 111 -7.77 -10.03 18.23
C ASP A 111 -6.51 -10.80 17.97
N MET A 112 -5.90 -11.33 19.02
CA MET A 112 -4.68 -12.10 18.87
C MET A 112 -4.57 -13.31 19.73
N GLU A 113 -3.90 -14.31 19.17
CA GLU A 113 -3.65 -15.54 19.85
C GLU A 113 -2.15 -15.58 20.07
N PHE A 114 -1.75 -15.61 21.33
CA PHE A 114 -0.35 -15.68 21.71
C PHE A 114 0.01 -17.12 22.11
N THR A 115 1.05 -17.68 21.50
CA THR A 115 1.52 -19.01 21.87
C THR A 115 2.94 -18.82 22.42
N ILE A 116 3.23 -19.39 23.59
CA ILE A 116 4.55 -19.25 24.22
C ILE A 116 5.26 -20.59 24.32
N VAL A 117 6.43 -20.69 23.71
CA VAL A 117 7.22 -21.91 23.72
C VAL A 117 8.48 -21.71 24.57
N ALA A 118 8.63 -22.52 25.60
CA ALA A 118 9.82 -22.37 26.45
C ALA A 118 10.58 -23.65 26.70
N GLN A 119 11.88 -23.47 26.89
CA GLN A 119 12.76 -24.59 27.16
C GLN A 119 13.99 -24.07 27.87
N VAL A 120 14.63 -24.97 28.60
CA VAL A 120 15.83 -24.66 29.37
C VAL A 120 17.12 -24.88 28.55
N VAL A 121 18.08 -23.97 28.69
CA VAL A 121 19.37 -24.10 28.00
C VAL A 121 20.52 -23.80 28.96
N ASN A 122 21.68 -24.41 28.76
CA ASN A 122 22.79 -24.13 29.65
C ASN A 122 23.53 -22.90 29.15
N ALA A 123 24.66 -22.60 29.78
CA ALA A 123 25.49 -21.44 29.43
C ALA A 123 26.03 -21.43 27.99
N GLN A 124 26.23 -22.61 27.41
CA GLN A 124 26.73 -22.72 26.05
C GLN A 124 25.56 -22.82 25.06
N SER A 125 24.37 -22.50 25.55
CA SER A 125 23.17 -22.51 24.73
C SER A 125 22.77 -23.86 24.16
N LYS A 126 23.11 -24.93 24.87
CA LYS A 126 22.76 -26.29 24.48
C LYS A 126 21.52 -26.70 25.30
N VAL A 127 20.46 -27.09 24.60
CA VAL A 127 19.20 -27.46 25.23
C VAL A 127 19.34 -28.56 26.25
N GLN A 128 18.59 -28.43 27.33
CA GLN A 128 18.59 -29.40 28.42
C GLN A 128 17.22 -30.03 28.51
N ASP A 129 17.17 -31.29 28.93
CA ASP A 129 15.89 -31.97 29.11
C ASP A 129 15.56 -31.73 30.58
N PHE A 130 15.04 -30.54 30.87
CA PHE A 130 14.71 -30.13 32.22
C PHE A 130 13.32 -29.50 32.27
N ASN A 131 12.43 -30.09 33.06
CA ASN A 131 11.10 -29.52 33.21
C ASN A 131 11.04 -28.59 34.41
N VAL A 132 10.87 -27.29 34.15
CA VAL A 132 10.81 -26.29 35.20
C VAL A 132 9.54 -25.45 35.03
N ASP A 133 8.99 -24.95 36.14
CA ASP A 133 7.80 -24.11 36.11
C ASP A 133 8.19 -22.65 35.80
N TYR A 134 7.46 -22.01 34.90
CA TYR A 134 7.72 -20.61 34.56
C TYR A 134 6.43 -19.79 34.61
N GLN A 135 6.59 -18.47 34.83
CA GLN A 135 5.49 -17.53 34.96
C GLN A 135 5.64 -16.39 33.96
N VAL A 136 4.55 -16.05 33.28
CA VAL A 136 4.52 -14.94 32.34
C VAL A 136 3.45 -13.97 32.84
N MET A 137 3.87 -12.78 33.23
CA MET A 137 2.98 -11.75 33.74
C MET A 137 2.89 -10.53 32.82
N PHE A 138 1.67 -10.12 32.49
CA PHE A 138 1.41 -8.93 31.64
C PHE A 138 1.30 -7.73 32.60
N VAL A 139 2.22 -6.78 32.47
CA VAL A 139 2.21 -5.61 33.34
C VAL A 139 1.84 -4.38 32.53
N PRO A 140 0.58 -3.88 32.67
CA PRO A 140 0.15 -2.69 31.92
C PRO A 140 0.93 -1.45 32.38
N PRO A 141 0.94 -0.38 31.56
CA PRO A 141 1.65 0.85 31.91
C PRO A 141 1.10 1.45 33.19
N GLY A 142 1.98 1.81 34.12
CA GLY A 142 1.54 2.39 35.37
C GLY A 142 1.58 1.41 36.53
N ALA A 143 1.71 0.13 36.20
CA ALA A 143 1.79 -0.90 37.22
C ALA A 143 3.28 -1.12 37.55
N SER A 144 3.57 -1.48 38.80
CA SER A 144 4.95 -1.69 39.23
C SER A 144 5.58 -2.91 38.60
N VAL A 145 6.70 -2.70 37.92
CA VAL A 145 7.42 -3.77 37.24
C VAL A 145 8.44 -4.49 38.16
N PRO A 146 8.39 -5.82 38.18
CA PRO A 146 9.30 -6.62 39.02
C PRO A 146 10.78 -6.34 38.76
N GLU A 147 11.52 -6.15 39.84
CA GLU A 147 12.94 -5.91 39.74
C GLU A 147 13.69 -7.24 39.58
N ASN A 148 13.20 -8.30 40.21
CA ASN A 148 13.87 -9.59 40.08
C ASN A 148 13.01 -10.80 40.44
N GLN A 149 13.54 -11.98 40.13
CA GLN A 149 12.88 -13.27 40.34
C GLN A 149 11.83 -13.42 41.47
N ASP A 150 12.10 -12.86 42.64
CA ASP A 150 11.17 -13.00 43.76
C ASP A 150 10.55 -11.75 44.38
N SER A 151 10.46 -10.66 43.60
CA SER A 151 9.85 -9.41 44.09
C SER A 151 8.38 -9.69 44.43
N TYR A 152 7.74 -8.79 45.19
CA TYR A 152 6.35 -9.00 45.58
C TYR A 152 5.36 -8.96 44.42
N GLN A 153 5.70 -8.23 43.36
CA GLN A 153 4.78 -8.10 42.21
C GLN A 153 4.31 -9.40 41.54
N TRP A 154 5.03 -10.51 41.76
CA TRP A 154 4.62 -11.77 41.14
C TRP A 154 3.43 -12.43 41.86
N GLN A 155 2.93 -11.79 42.93
CA GLN A 155 1.74 -12.31 43.62
C GLN A 155 0.64 -12.26 42.58
N SER A 156 0.77 -11.28 41.70
CA SER A 156 -0.14 -11.05 40.58
C SER A 156 -1.64 -11.05 40.87
N SER A 157 -2.08 -10.41 41.96
CA SER A 157 -3.51 -10.39 42.30
C SER A 157 -4.45 -9.67 41.28
N CYS A 158 -3.91 -8.76 40.47
CA CYS A 158 -4.72 -8.07 39.46
C CYS A 158 -4.18 -8.27 38.05
N ASN A 159 -2.85 -8.21 37.90
CA ASN A 159 -2.18 -8.37 36.60
C ASN A 159 -2.40 -9.81 36.12
N PRO A 160 -2.65 -10.00 34.83
CA PRO A 160 -2.85 -11.37 34.38
C PRO A 160 -1.53 -12.11 34.34
N SER A 161 -1.52 -13.35 34.81
CA SER A 161 -0.32 -14.17 34.74
C SER A 161 -0.68 -15.52 34.17
N VAL A 162 0.29 -16.17 33.53
CA VAL A 162 0.05 -17.53 33.07
C VAL A 162 1.23 -18.29 33.61
N ILE A 163 0.96 -19.44 34.23
CA ILE A 163 1.98 -20.31 34.80
C ILE A 163 1.86 -21.69 34.15
N SER A 164 2.93 -22.12 33.49
CA SER A 164 2.96 -23.42 32.84
C SER A 164 4.34 -24.04 33.09
N ASN A 165 4.63 -25.12 32.39
CA ASN A 165 5.89 -25.84 32.57
C ASN A 165 6.54 -26.21 31.23
N THR A 166 7.87 -26.19 31.19
CA THR A 166 8.60 -26.49 29.95
C THR A 166 8.38 -27.91 29.42
N GLY A 167 7.68 -28.71 30.21
CA GLY A 167 7.38 -30.08 29.84
C GLY A 167 5.93 -30.23 29.42
N LEU A 168 5.15 -29.17 29.56
CA LEU A 168 3.74 -29.18 29.17
C LEU A 168 3.65 -28.60 27.78
N PRO A 169 2.54 -28.81 27.04
CA PRO A 169 2.43 -28.24 25.69
C PRO A 169 2.65 -26.72 25.76
N PRO A 170 2.95 -26.08 24.62
CA PRO A 170 3.15 -24.63 24.74
C PRO A 170 1.93 -23.95 25.35
N ALA A 171 2.14 -22.83 26.04
CA ALA A 171 1.04 -22.08 26.64
C ALA A 171 0.42 -21.21 25.55
N ARG A 172 -0.85 -20.87 25.72
CA ARG A 172 -1.57 -20.06 24.73
C ARG A 172 -2.82 -19.35 25.30
N VAL A 173 -2.97 -18.07 24.98
CA VAL A 173 -4.13 -17.28 25.42
C VAL A 173 -4.57 -16.37 24.27
N SER A 174 -5.84 -15.96 24.30
CA SER A 174 -6.36 -15.04 23.30
C SER A 174 -6.39 -13.66 23.95
N VAL A 175 -6.22 -12.64 23.13
CA VAL A 175 -6.20 -11.26 23.61
C VAL A 175 -7.17 -10.45 22.76
N PRO A 176 -7.99 -9.60 23.39
CA PRO A 176 -8.98 -8.76 22.67
C PRO A 176 -8.33 -7.58 21.96
N PHE A 177 -9.12 -6.79 21.23
CA PHE A 177 -8.60 -5.59 20.56
C PHE A 177 -8.49 -4.52 21.67
N MET A 178 -7.28 -4.30 22.16
CA MET A 178 -7.08 -3.42 23.31
C MET A 178 -6.76 -1.93 23.22
N SER A 179 -6.51 -1.40 22.03
CA SER A 179 -6.16 0.02 21.93
C SER A 179 -7.25 0.97 22.39
N SER A 180 -6.83 2.19 22.74
CA SER A 180 -7.72 3.25 23.18
C SER A 180 -8.30 3.86 21.91
N ALA A 181 -7.64 3.56 20.79
CA ALA A 181 -8.06 4.04 19.48
C ALA A 181 -9.14 3.13 18.92
N ASN A 182 -9.62 3.44 17.72
CA ASN A 182 -10.66 2.63 17.12
C ASN A 182 -10.06 1.62 16.13
N ALA A 183 -8.73 1.64 16.04
CA ALA A 183 -7.98 0.72 15.21
C ALA A 183 -6.51 0.98 15.50
N TYR A 184 -5.65 -0.02 15.26
CA TYR A 184 -4.22 0.16 15.46
C TYR A 184 -3.75 0.86 14.19
N SER A 185 -2.76 1.74 14.30
CA SER A 185 -2.18 2.44 13.16
C SER A 185 -0.80 1.89 12.85
N PHE A 186 -0.54 1.59 11.57
CA PHE A 186 0.76 1.08 11.19
C PHE A 186 1.62 2.12 10.42
N SER A 187 1.12 3.36 10.40
CA SER A 187 1.80 4.51 9.82
C SER A 187 1.19 5.71 10.53
N TYR A 188 2.06 6.56 11.07
CA TYR A 188 1.61 7.73 11.84
C TYR A 188 2.50 8.95 11.58
N ASP A 189 1.99 9.89 10.77
CA ASP A 189 2.71 11.12 10.42
C ASP A 189 2.43 12.19 11.48
N GLY A 190 2.98 11.97 12.69
CA GLY A 190 2.76 12.91 13.78
C GLY A 190 3.71 12.71 14.93
N TYR A 191 3.46 13.41 16.03
CA TYR A 191 4.33 13.35 17.21
C TYR A 191 3.67 12.68 18.41
N THR A 192 4.46 12.23 19.37
CA THR A 192 3.94 11.54 20.55
C THR A 192 3.39 12.45 21.64
N GLN A 193 3.83 13.70 21.63
CA GLN A 193 3.35 14.62 22.64
C GLN A 193 3.39 16.06 22.15
N PHE A 194 2.61 16.91 22.81
CA PHE A 194 2.54 18.31 22.47
C PHE A 194 3.81 18.98 22.95
N GLY A 195 4.25 19.99 22.20
CA GLY A 195 5.43 20.74 22.56
C GLY A 195 6.73 19.99 22.37
N ASP A 196 6.77 19.10 21.39
CA ASP A 196 8.00 18.35 21.13
C ASP A 196 8.21 18.38 19.63
N ALA A 197 9.29 19.01 19.19
CA ALA A 197 9.60 19.12 17.76
C ALA A 197 10.80 18.22 17.45
N SER A 198 11.07 17.26 18.34
CA SER A 198 12.22 16.35 18.21
C SER A 198 12.00 15.05 17.46
N GLY A 199 12.95 14.75 16.58
CA GLY A 199 12.90 13.55 15.76
C GLY A 199 12.78 12.24 16.50
N SER A 200 13.13 12.25 17.78
CA SER A 200 13.03 11.03 18.56
C SER A 200 11.57 10.72 18.94
N SER A 201 10.68 11.71 18.83
CA SER A 201 9.25 11.54 19.17
C SER A 201 8.34 11.57 17.94
N TYR A 202 8.91 11.24 16.78
CA TYR A 202 8.16 11.27 15.53
C TYR A 202 7.88 9.87 14.98
N GLY A 203 6.64 9.65 14.57
CA GLY A 203 6.25 8.37 13.98
C GLY A 203 5.97 7.20 14.87
N ILE A 204 5.66 7.47 16.14
CA ILE A 204 5.34 6.42 17.11
C ILE A 204 3.89 6.66 17.61
N VAL A 205 3.04 5.65 17.50
CA VAL A 205 1.64 5.74 17.98
C VAL A 205 1.73 5.19 19.40
N PRO A 206 1.76 6.07 20.42
CA PRO A 206 1.86 5.51 21.78
C PRO A 206 0.75 4.53 22.19
N SER A 207 -0.47 4.74 21.68
CA SER A 207 -1.58 3.84 22.02
C SER A 207 -1.41 2.41 21.48
N ASN A 208 -0.34 2.15 20.72
CA ASN A 208 0.01 0.82 20.16
C ASN A 208 0.89 0.04 21.18
N TYR A 209 1.33 0.74 22.23
CA TYR A 209 2.13 0.17 23.32
C TYR A 209 1.21 -0.07 24.52
N LEU A 210 0.96 -1.34 24.83
CA LEU A 210 0.08 -1.72 25.93
C LEU A 210 0.77 -2.36 27.11
N GLY A 211 2.08 -2.18 27.20
CA GLY A 211 2.78 -2.76 28.34
C GLY A 211 3.95 -3.66 28.05
N MET A 212 4.22 -4.54 29.00
CA MET A 212 5.31 -5.45 28.84
C MET A 212 5.02 -6.80 29.45
N LEU A 213 5.79 -7.80 29.03
CA LEU A 213 5.67 -9.14 29.55
C LEU A 213 6.92 -9.35 30.42
N VAL A 214 6.75 -9.88 31.62
CA VAL A 214 7.89 -10.13 32.48
C VAL A 214 7.85 -11.64 32.70
N VAL A 215 8.96 -12.30 32.39
CA VAL A 215 9.05 -13.74 32.53
C VAL A 215 10.03 -14.07 33.63
N ARG A 216 9.75 -15.16 34.33
CA ARG A 216 10.60 -15.63 35.41
C ARG A 216 10.44 -17.15 35.56
N THR A 217 11.28 -17.75 36.39
CA THR A 217 11.20 -19.17 36.69
C THR A 217 10.75 -19.12 38.15
N CYS A 218 9.66 -19.82 38.49
CA CYS A 218 9.12 -19.81 39.85
C CYS A 218 10.15 -20.11 40.92
N GLU A 219 11.15 -20.92 40.58
CA GLU A 219 12.26 -21.24 41.49
C GLU A 219 13.55 -21.09 40.67
N ASP A 220 14.67 -20.81 41.34
CA ASP A 220 15.91 -20.63 40.60
C ASP A 220 16.53 -21.87 39.95
N LEU A 221 17.02 -21.71 38.73
CA LEU A 221 17.69 -22.79 38.02
C LEU A 221 19.16 -22.73 38.44
N ASP A 222 19.81 -23.87 38.55
CA ASP A 222 21.20 -23.89 38.95
C ASP A 222 22.09 -24.03 37.71
N GLY A 223 22.58 -22.89 37.23
CA GLY A 223 23.46 -22.88 36.09
C GLY A 223 22.86 -22.84 34.69
N THR A 224 21.54 -22.90 34.61
CA THR A 224 20.88 -22.86 33.31
C THR A 224 19.92 -21.66 33.21
N ARG A 225 19.22 -21.54 32.09
CA ARG A 225 18.24 -20.48 31.98
C ARG A 225 17.09 -20.77 31.05
N LEU A 226 16.04 -19.97 31.21
CA LEU A 226 14.86 -20.12 30.38
C LEU A 226 15.04 -19.41 29.03
N ARG A 227 14.81 -20.18 27.98
CA ARG A 227 14.87 -19.71 26.61
C ARG A 227 13.40 -19.64 26.17
N VAL A 228 12.94 -18.44 25.80
CA VAL A 228 11.54 -18.20 25.42
C VAL A 228 11.30 -17.61 24.00
N ARG A 229 10.28 -18.12 23.33
CA ARG A 229 9.88 -17.64 22.00
C ARG A 229 8.38 -17.35 22.09
N VAL A 230 7.97 -16.13 21.72
CA VAL A 230 6.57 -15.73 21.75
C VAL A 230 6.02 -15.60 20.32
N TYR A 231 4.99 -16.36 20.00
CA TYR A 231 4.38 -16.28 18.66
C TYR A 231 3.07 -15.53 18.76
N ALA A 232 2.69 -14.82 17.72
CA ALA A 232 1.43 -14.10 17.77
C ALA A 232 0.65 -14.31 16.50
N LYS A 233 -0.65 -14.56 16.65
CA LYS A 233 -1.53 -14.78 15.52
C LYS A 233 -2.77 -13.90 15.52
N PRO A 234 -2.90 -13.05 14.50
CA PRO A 234 -4.05 -12.15 14.36
C PRO A 234 -5.34 -12.98 14.05
N LYS A 235 -6.48 -12.55 14.61
CA LYS A 235 -7.75 -13.24 14.38
C LYS A 235 -8.84 -12.21 14.17
N HIS A 236 -9.82 -12.53 13.34
CA HIS A 236 -10.94 -11.60 13.14
C HIS A 236 -10.38 -10.27 12.67
N VAL A 237 -9.70 -10.29 11.53
CA VAL A 237 -9.07 -9.09 11.01
C VAL A 237 -9.95 -8.12 10.23
N LYS A 238 -9.80 -6.84 10.57
CA LYS A 238 -10.53 -5.76 9.89
C LYS A 238 -9.46 -4.72 9.54
N GLY A 239 -9.40 -4.32 8.26
CA GLY A 239 -8.40 -3.36 7.84
C GLY A 239 -8.89 -2.31 6.87
N TRP A 240 -8.21 -1.17 6.89
CA TRP A 240 -8.55 -0.03 6.03
C TRP A 240 -7.32 0.59 5.40
N ILE A 241 -7.50 1.13 4.19
CA ILE A 241 -6.45 1.84 3.45
C ILE A 241 -5.14 1.08 3.20
N PRO A 242 -5.13 0.18 2.19
CA PRO A 242 -3.91 -0.58 1.89
C PRO A 242 -2.75 0.37 1.55
N ARG A 243 -1.54 0.00 1.95
CA ARG A 243 -0.35 0.82 1.73
C ARG A 243 0.64 0.25 0.70
N SER A 244 1.55 1.11 0.25
CA SER A 244 2.59 0.73 -0.70
C SER A 244 3.49 -0.18 0.14
N PRO A 245 3.70 -1.45 -0.29
CA PRO A 245 4.55 -2.34 0.50
C PRO A 245 6.03 -1.99 0.71
N ARG A 246 6.58 -2.45 1.83
CA ARG A 246 7.97 -2.19 2.17
C ARG A 246 8.88 -2.73 1.10
N MET A 247 9.78 -1.88 0.61
CA MET A 247 10.72 -2.26 -0.46
C MET A 247 12.18 -2.05 -0.05
N THR A 248 12.42 -1.69 1.19
CA THR A 248 13.79 -1.55 1.63
C THR A 248 13.84 -2.19 3.01
N PRO A 249 15.02 -2.63 3.43
CA PRO A 249 15.29 -3.27 4.72
C PRO A 249 14.97 -2.43 5.97
N TYR A 250 14.60 -3.11 7.05
CA TYR A 250 14.31 -2.44 8.32
C TYR A 250 15.66 -2.33 9.01
N LYS A 251 15.83 -1.27 9.78
CA LYS A 251 17.09 -1.01 10.48
C LYS A 251 16.85 -0.90 11.97
N SER A 252 15.79 -0.17 12.31
CA SER A 252 15.39 0.08 13.68
C SER A 252 14.12 -0.66 14.06
N ARG A 253 14.07 -1.16 15.29
CA ARG A 253 12.90 -1.86 15.83
C ARG A 253 11.71 -0.94 16.03
N TYR A 254 11.98 0.31 16.39
CA TYR A 254 10.89 1.22 16.68
C TYR A 254 10.48 2.22 15.61
N THR A 255 11.28 2.38 14.55
CA THR A 255 10.93 3.30 13.46
C THR A 255 11.16 2.72 12.08
N GLY A 256 10.56 3.37 11.07
CA GLY A 256 10.69 2.90 9.71
C GLY A 256 11.91 3.40 8.94
N VAL A 257 12.86 3.99 9.65
CA VAL A 257 14.08 4.53 9.06
C VAL A 257 14.68 3.50 8.06
N TYR A 258 15.26 3.99 6.97
CA TYR A 258 15.84 3.11 5.95
C TYR A 258 16.98 3.76 5.21
N THR A 259 17.64 2.97 4.38
CA THR A 259 18.76 3.43 3.57
C THR A 259 18.34 3.49 2.11
N ASP A 260 18.46 4.66 1.50
CA ASP A 260 18.07 4.83 0.11
C ASP A 260 18.83 3.91 -0.82
N THR A 261 18.19 3.57 -1.94
CA THR A 261 18.77 2.71 -2.97
C THR A 261 18.35 3.24 -4.33
N THR A 262 19.11 2.88 -5.36
CA THR A 262 18.85 3.36 -6.73
C THR A 262 18.12 2.39 -7.65
N LYS A 263 17.89 1.18 -7.15
CA LYS A 263 17.18 0.17 -7.93
C LYS A 263 16.57 -0.81 -6.98
N PHE A 264 15.55 -1.55 -7.44
CA PHE A 264 14.93 -2.55 -6.58
C PHE A 264 15.29 -3.92 -7.16
N CYS A 265 15.13 -4.08 -8.46
CA CYS A 265 15.46 -5.34 -9.10
C CYS A 265 16.85 -5.25 -9.69
N ALA A 266 17.45 -6.39 -9.94
CA ALA A 266 18.80 -6.38 -10.49
C ALA A 266 18.74 -5.94 -11.93
N ASN A 267 19.85 -5.36 -12.40
CA ASN A 267 19.89 -4.89 -13.77
C ASN A 267 20.09 -6.04 -14.75
N ARG A 268 19.86 -5.75 -16.04
CA ARG A 268 20.06 -6.69 -17.13
C ARG A 268 20.80 -5.89 -18.19
N ALA A 269 21.39 -6.57 -19.16
CA ALA A 269 22.17 -5.93 -20.21
C ALA A 269 21.41 -4.95 -21.10
N ARG A 270 20.31 -5.42 -21.67
CA ARG A 270 19.51 -4.64 -22.59
C ARG A 270 18.02 -4.72 -22.27
N ILE A 271 17.34 -3.58 -22.48
CA ILE A 271 15.93 -3.50 -22.25
C ILE A 271 15.17 -4.33 -23.29
N THR A 272 15.84 -4.71 -24.38
CA THR A 272 15.19 -5.51 -25.41
C THR A 272 15.45 -7.01 -25.28
N THR A 273 16.12 -7.42 -24.22
CA THR A 273 16.39 -8.83 -24.03
C THR A 273 15.64 -9.31 -22.78
N ALA A 274 14.69 -10.21 -22.99
CA ALA A 274 13.88 -10.77 -21.91
C ALA A 274 14.62 -11.80 -21.09
N SER B 8 -16.03 11.62 -19.00
CA SER B 8 -14.89 12.27 -18.29
C SER B 8 -14.51 13.59 -18.94
N ASP B 9 -15.31 14.61 -18.70
CA ASP B 9 -15.07 15.90 -19.28
C ASP B 9 -13.71 16.49 -18.88
N ARG B 10 -13.25 17.39 -19.75
CA ARG B 10 -11.95 18.03 -19.63
C ARG B 10 -12.03 19.47 -19.11
N VAL B 11 -13.19 19.90 -18.64
CA VAL B 11 -13.32 21.25 -18.07
C VAL B 11 -13.96 21.15 -16.72
N ALA B 12 -13.77 22.18 -15.91
CA ALA B 12 -14.36 22.16 -14.58
C ALA B 12 -14.37 23.52 -13.94
N GLN B 13 -15.25 23.68 -12.95
CA GLN B 13 -15.33 24.90 -12.19
C GLN B 13 -15.55 24.39 -10.78
N LEU B 14 -14.80 24.92 -9.82
CA LEU B 14 -14.92 24.50 -8.44
C LEU B 14 -15.23 25.75 -7.63
N THR B 15 -16.41 25.81 -7.03
CA THR B 15 -16.79 26.98 -6.26
C THR B 15 -17.03 26.64 -4.78
N LEU B 16 -16.19 27.20 -3.91
CA LEU B 16 -16.31 27.00 -2.49
C LEU B 16 -16.22 28.35 -1.80
N GLY B 17 -17.22 28.67 -1.00
CA GLY B 17 -17.22 29.95 -0.32
C GLY B 17 -17.24 31.12 -1.29
N ASN B 18 -16.22 31.96 -1.18
CA ASN B 18 -16.11 33.15 -2.01
C ASN B 18 -15.04 32.96 -3.07
N SER B 19 -14.62 31.72 -3.27
CA SER B 19 -13.58 31.40 -4.24
C SER B 19 -14.03 30.41 -5.32
N THR B 20 -13.74 30.74 -6.58
CA THR B 20 -14.10 29.90 -7.73
C THR B 20 -12.87 29.59 -8.59
N ILE B 21 -12.65 28.30 -8.85
CA ILE B 21 -11.52 27.84 -9.65
C ILE B 21 -11.99 27.16 -10.94
N THR B 22 -11.25 27.42 -12.02
CA THR B 22 -11.57 26.84 -13.33
C THR B 22 -10.33 26.29 -14.04
N THR B 23 -10.56 25.32 -14.92
CA THR B 23 -9.51 24.70 -15.72
C THR B 23 -10.16 24.25 -17.02
N GLN B 24 -9.46 24.41 -18.14
CA GLN B 24 -10.03 23.98 -19.41
C GLN B 24 -9.35 22.74 -19.97
N GLU B 25 -8.42 22.17 -19.20
CA GLU B 25 -7.71 20.94 -19.59
C GLU B 25 -7.49 20.03 -18.38
N ALA B 26 -8.59 19.49 -17.85
CA ALA B 26 -8.58 18.59 -16.71
C ALA B 26 -8.66 17.15 -17.24
N ALA B 27 -8.61 16.19 -16.31
CA ALA B 27 -8.68 14.78 -16.68
C ALA B 27 -9.53 14.06 -15.63
N ASN B 28 -10.79 14.48 -15.56
CA ASN B 28 -11.76 13.94 -14.61
C ASN B 28 -11.40 14.44 -13.20
N ILE B 29 -12.08 13.95 -12.17
CA ILE B 29 -11.85 14.35 -10.77
C ILE B 29 -11.83 13.10 -9.88
N VAL B 30 -10.79 12.95 -9.05
CA VAL B 30 -10.72 11.78 -8.17
C VAL B 30 -11.31 12.01 -6.78
N VAL B 31 -12.01 11.02 -6.24
CA VAL B 31 -12.60 11.10 -4.90
C VAL B 31 -11.97 9.92 -4.16
N GLY B 32 -11.07 10.23 -3.24
CA GLY B 32 -10.37 9.19 -2.52
C GLY B 32 -11.23 8.14 -1.89
N TYR B 33 -10.93 6.88 -2.19
CA TYR B 33 -11.69 5.78 -1.62
C TYR B 33 -13.19 5.84 -1.89
N GLY B 34 -13.56 6.63 -2.88
CA GLY B 34 -14.96 6.80 -3.24
C GLY B 34 -15.80 7.45 -2.16
N ARG B 35 -15.19 8.18 -1.24
CA ARG B 35 -15.92 8.81 -0.15
C ARG B 35 -15.77 10.31 -0.04
N TRP B 36 -16.87 11.05 -0.13
CA TRP B 36 -16.78 12.51 0.02
C TRP B 36 -16.71 12.78 1.52
N PRO B 37 -16.21 13.97 1.92
CA PRO B 37 -16.09 14.39 3.32
C PRO B 37 -17.43 14.35 4.06
N THR B 38 -17.45 13.79 5.26
CA THR B 38 -18.68 13.72 6.08
C THR B 38 -18.41 14.13 7.52
N SER B 39 -19.46 14.60 8.19
CA SER B 39 -19.32 15.04 9.56
C SER B 39 -19.28 13.88 10.55
N LEU B 40 -18.80 14.14 11.75
CA LEU B 40 -18.70 13.12 12.79
C LEU B 40 -20.08 12.63 13.24
N ARG B 41 -20.35 11.32 13.14
CA ARG B 41 -21.67 10.81 13.55
C ARG B 41 -21.73 10.66 15.08
N ASP B 42 -22.94 10.69 15.65
CA ASP B 42 -23.15 10.57 17.11
C ASP B 42 -22.71 9.25 17.73
N THR B 43 -22.53 8.24 16.90
CA THR B 43 -22.11 6.96 17.42
C THR B 43 -20.59 6.76 17.37
N ASP B 44 -19.89 7.67 16.69
CA ASP B 44 -18.45 7.61 16.55
C ASP B 44 -17.77 8.60 17.47
N ALA B 45 -18.49 9.68 17.71
CA ALA B 45 -18.02 10.78 18.54
C ALA B 45 -17.74 10.37 19.96
N THR B 46 -16.80 11.06 20.60
CA THR B 46 -16.49 10.80 21.99
C THR B 46 -16.38 12.14 22.76
N ALA B 47 -15.81 13.17 22.12
CA ALA B 47 -15.70 14.48 22.75
C ALA B 47 -17.13 15.00 22.92
N VAL B 48 -17.54 15.25 24.15
CA VAL B 48 -18.89 15.68 24.47
C VAL B 48 -19.33 17.15 24.23
N ASP B 49 -18.40 18.03 23.91
CA ASP B 49 -18.77 19.44 23.70
C ASP B 49 -19.30 19.79 22.32
N LYS B 50 -20.23 20.73 22.27
CA LYS B 50 -20.80 21.14 21.01
C LYS B 50 -19.68 21.69 20.12
N PRO B 51 -19.56 21.16 18.88
CA PRO B 51 -18.51 21.62 17.99
C PRO B 51 -18.75 22.97 17.31
N THR B 52 -17.67 23.53 16.77
CA THR B 52 -17.72 24.77 16.03
C THR B 52 -17.68 24.37 14.55
N GLN B 53 -18.41 25.08 13.71
CA GLN B 53 -18.40 24.76 12.30
C GLN B 53 -18.36 26.09 11.56
N PRO B 54 -17.14 26.57 11.28
CA PRO B 54 -16.85 27.84 10.61
C PRO B 54 -17.56 28.13 9.29
N GLY B 55 -17.88 27.07 8.56
CA GLY B 55 -18.55 27.30 7.30
C GLY B 55 -17.65 27.97 6.27
N VAL B 56 -18.23 28.86 5.48
CA VAL B 56 -17.49 29.55 4.42
C VAL B 56 -16.24 30.31 4.83
N SER B 57 -16.07 30.59 6.12
CA SER B 57 -14.89 31.34 6.56
C SER B 57 -13.62 30.52 6.46
N ALA B 58 -13.76 29.21 6.62
CA ALA B 58 -12.61 28.31 6.59
C ALA B 58 -12.68 27.31 5.43
N GLU B 59 -13.86 27.13 4.85
CA GLU B 59 -14.06 26.18 3.76
C GLU B 59 -14.12 26.89 2.42
N ARG B 60 -12.93 27.26 1.95
CA ARG B 60 -12.73 27.98 0.70
C ARG B 60 -11.36 27.61 0.17
N PHE B 61 -11.00 28.13 -0.99
CA PHE B 61 -9.71 27.83 -1.59
C PHE B 61 -8.56 28.75 -1.19
N TYR B 62 -7.48 28.17 -0.69
CA TYR B 62 -6.30 28.91 -0.31
C TYR B 62 -5.18 28.54 -1.28
N THR B 63 -4.57 29.53 -1.93
CA THR B 63 -3.47 29.28 -2.87
C THR B 63 -2.13 29.50 -2.14
N LEU B 64 -1.24 28.51 -2.28
CA LEU B 64 0.05 28.55 -1.65
C LEU B 64 1.07 29.09 -2.62
N PRO B 65 2.23 29.55 -2.12
CA PRO B 65 3.28 30.07 -3.00
C PRO B 65 3.78 28.99 -3.98
N SER B 66 3.96 29.40 -5.23
CA SER B 66 4.39 28.50 -6.30
C SER B 66 5.81 27.96 -6.25
N VAL B 67 5.98 26.78 -6.85
CA VAL B 67 7.26 26.12 -6.89
C VAL B 67 7.68 26.03 -8.36
N GLN B 68 8.97 26.25 -8.62
CA GLN B 68 9.47 26.17 -9.99
C GLN B 68 9.91 24.78 -10.40
N TRP B 69 9.41 24.30 -11.54
CA TRP B 69 9.80 22.99 -12.04
C TRP B 69 11.18 23.18 -12.69
N THR B 70 12.21 23.09 -11.86
CA THR B 70 13.57 23.26 -12.34
C THR B 70 14.12 21.99 -12.99
N ASN B 71 15.35 22.07 -13.46
CA ASN B 71 15.97 20.94 -14.12
C ASN B 71 16.37 19.85 -13.13
N SER B 72 16.77 20.29 -11.95
CA SER B 72 17.18 19.41 -10.88
C SER B 72 16.01 18.98 -9.98
N PHE B 73 14.81 19.45 -10.29
CA PHE B 73 13.60 19.19 -9.53
C PHE B 73 13.28 17.71 -9.28
N LYS B 74 13.11 17.34 -8.00
CA LYS B 74 12.79 15.96 -7.61
C LYS B 74 11.35 15.80 -7.14
N GLY B 75 10.74 16.93 -6.78
CA GLY B 75 9.37 16.89 -6.31
C GLY B 75 9.26 17.79 -5.10
N HIS B 76 8.05 17.93 -4.59
CA HIS B 76 7.82 18.80 -3.47
C HIS B 76 6.61 18.21 -2.74
N TYR B 77 6.53 18.40 -1.42
CA TYR B 77 5.37 17.91 -0.66
C TYR B 77 4.88 18.94 0.35
N TRP B 78 3.61 18.84 0.69
CA TRP B 78 2.95 19.68 1.69
C TRP B 78 2.21 18.70 2.60
N LYS B 79 2.17 19.00 3.89
CA LYS B 79 1.47 18.16 4.84
C LYS B 79 0.17 18.86 5.15
N LEU B 80 -0.88 18.11 5.42
CA LEU B 80 -2.20 18.66 5.73
C LEU B 80 -2.64 18.15 7.12
N PRO B 81 -3.17 19.04 7.99
CA PRO B 81 -3.42 20.49 7.81
C PRO B 81 -2.28 21.50 8.02
N ASP B 82 -1.06 21.01 8.21
CA ASP B 82 0.09 21.86 8.45
C ASP B 82 0.26 23.04 7.48
N ALA B 83 0.12 22.76 6.20
CA ALA B 83 0.31 23.79 5.19
C ALA B 83 -0.63 24.99 5.31
N LEU B 84 -1.80 24.79 5.88
CA LEU B 84 -2.75 25.89 6.01
C LEU B 84 -2.93 26.26 7.47
N SER B 85 -2.10 25.68 8.32
CA SER B 85 -2.17 25.92 9.77
C SER B 85 -2.03 27.41 10.15
N GLU B 86 -1.72 28.25 9.18
CA GLU B 86 -1.59 29.66 9.51
C GLU B 86 -2.27 30.58 8.51
N LEU B 87 -3.19 30.04 7.74
CA LEU B 87 -3.89 30.82 6.74
C LEU B 87 -5.37 31.09 7.07
N GLY B 88 -5.79 32.33 6.87
CA GLY B 88 -7.17 32.73 7.09
C GLY B 88 -7.81 32.23 8.35
N LEU B 89 -9.13 32.18 8.37
CA LEU B 89 -9.81 31.73 9.57
C LEU B 89 -9.71 30.23 9.77
N PHE B 90 -9.31 29.50 8.73
CA PHE B 90 -9.16 28.06 8.89
C PHE B 90 -8.02 27.81 9.88
N GLY B 91 -6.89 28.48 9.65
CA GLY B 91 -5.75 28.31 10.54
C GLY B 91 -6.03 28.79 11.96
N GLN B 92 -6.78 29.88 12.08
CA GLN B 92 -7.13 30.44 13.38
C GLN B 92 -7.91 29.39 14.17
N ASN B 93 -8.90 28.82 13.52
CA ASN B 93 -9.72 27.79 14.16
C ASN B 93 -8.90 26.56 14.55
N LEU B 94 -7.89 26.23 13.75
CA LEU B 94 -7.01 25.06 13.99
C LEU B 94 -6.17 25.20 15.27
N GLN B 95 -5.73 26.43 15.50
CA GLN B 95 -4.90 26.77 16.64
C GLN B 95 -5.67 26.88 17.94
N PHE B 96 -6.83 27.53 17.89
CA PHE B 96 -7.71 27.74 19.05
C PHE B 96 -8.42 26.48 19.57
N HIS B 97 -8.51 25.43 18.76
CA HIS B 97 -9.16 24.19 19.20
C HIS B 97 -8.17 23.05 19.37
N TYR B 98 -8.43 22.21 20.37
CA TYR B 98 -7.60 21.05 20.66
C TYR B 98 -7.84 20.04 19.55
N LEU B 99 -9.11 19.86 19.22
CA LEU B 99 -9.53 18.91 18.19
C LEU B 99 -10.04 19.50 16.86
N TYR B 100 -9.69 18.79 15.78
CA TYR B 100 -10.04 19.18 14.43
C TYR B 100 -10.41 17.92 13.63
N ARG B 101 -11.30 18.08 12.66
CA ARG B 101 -11.73 17.01 11.76
C ARG B 101 -12.06 17.70 10.43
N GLY B 102 -11.77 17.06 9.31
CA GLY B 102 -12.08 17.72 8.06
C GLY B 102 -11.58 17.01 6.83
N GLY B 103 -12.14 17.38 5.69
CA GLY B 103 -11.79 16.78 4.41
C GLY B 103 -11.10 17.85 3.58
N TRP B 104 -10.78 17.53 2.33
CA TRP B 104 -10.09 18.47 1.45
C TRP B 104 -10.52 18.40 -0.02
N VAL B 105 -10.24 19.47 -0.77
CA VAL B 105 -10.46 19.54 -2.22
C VAL B 105 -9.11 20.14 -2.70
N ILE B 106 -8.35 19.35 -3.46
CA ILE B 106 -7.04 19.77 -3.94
C ILE B 106 -7.00 20.01 -5.45
N HIS B 107 -6.40 21.12 -5.87
CA HIS B 107 -6.26 21.45 -7.29
C HIS B 107 -4.82 21.85 -7.65
N VAL B 108 -4.08 20.93 -8.28
CA VAL B 108 -2.69 21.20 -8.68
C VAL B 108 -2.63 21.73 -10.12
N GLN B 109 -1.90 22.83 -10.31
CA GLN B 109 -1.82 23.52 -11.59
C GLN B 109 -0.41 23.61 -12.21
N CYS B 110 -0.32 23.33 -13.51
CA CYS B 110 0.94 23.40 -14.22
C CYS B 110 0.71 23.37 -15.71
N ASN B 111 0.74 24.54 -16.33
CA ASN B 111 0.55 24.61 -17.76
C ASN B 111 1.91 24.87 -18.41
N ALA B 112 2.10 24.33 -19.61
CA ALA B 112 3.30 24.53 -20.43
C ALA B 112 2.67 24.84 -21.78
N THR B 113 3.20 24.26 -22.86
CA THR B 113 2.61 24.50 -24.18
C THR B 113 2.59 23.19 -24.92
N LYS B 114 2.10 23.21 -26.15
CA LYS B 114 2.06 22.00 -26.94
C LYS B 114 3.46 21.68 -27.48
N PHE B 115 4.45 22.50 -27.14
CA PHE B 115 5.84 22.29 -27.57
C PHE B 115 6.70 21.73 -26.44
N HIS B 116 6.07 21.46 -25.29
CA HIS B 116 6.75 20.90 -24.12
C HIS B 116 6.29 19.46 -23.86
N GLN B 117 7.07 18.75 -23.05
CA GLN B 117 6.74 17.38 -22.65
C GLN B 117 7.28 17.20 -21.23
N GLY B 118 6.52 16.46 -20.43
CA GLY B 118 6.88 16.20 -19.05
C GLY B 118 5.70 15.54 -18.35
N THR B 119 5.93 14.88 -17.22
CA THR B 119 4.84 14.21 -16.54
C THR B 119 5.02 14.27 -15.03
N LEU B 120 3.99 14.74 -14.33
CA LEU B 120 4.01 14.84 -12.89
C LEU B 120 3.04 13.86 -12.24
N LEU B 121 3.47 13.20 -11.15
CA LEU B 121 2.55 12.35 -10.42
C LEU B 121 1.99 13.26 -9.32
N VAL B 122 0.67 13.34 -9.21
CA VAL B 122 0.05 14.16 -8.17
C VAL B 122 -0.66 13.15 -7.24
N VAL B 123 -0.04 12.87 -6.09
CA VAL B 123 -0.59 11.90 -5.13
C VAL B 123 -0.88 12.44 -3.70
N ALA B 124 -1.95 11.94 -3.09
CA ALA B 124 -2.30 12.32 -1.72
C ALA B 124 -2.20 11.00 -0.96
N THR B 125 -1.28 10.93 0.00
CA THR B 125 -1.03 9.72 0.78
C THR B 125 -1.47 9.80 2.24
N PRO B 126 -2.30 8.85 2.73
CA PRO B 126 -2.70 8.94 4.14
C PRO B 126 -1.50 8.55 5.00
N GLU B 127 -1.21 9.33 6.02
CA GLU B 127 -0.11 9.07 6.98
C GLU B 127 1.26 8.86 6.34
N HIS B 128 1.63 9.74 5.42
CA HIS B 128 2.91 9.67 4.73
C HIS B 128 4.06 10.16 5.60
N LYS B 129 4.75 9.22 6.23
CA LYS B 129 5.90 9.48 7.09
C LYS B 129 7.18 9.88 6.29
N ILE B 130 7.87 10.92 6.74
CA ILE B 130 9.11 11.37 6.09
C ILE B 130 10.18 10.76 7.00
N GLN B 131 10.52 9.50 6.74
CA GLN B 131 11.46 8.74 7.55
C GLN B 131 12.73 8.25 6.88
N SER B 132 13.39 9.13 6.14
CA SER B 132 14.62 8.77 5.49
C SER B 132 15.80 9.20 6.34
N ALA B 133 15.51 9.71 7.54
CA ALA B 133 16.54 10.14 8.50
C ALA B 133 16.22 9.55 9.88
N GLU B 134 17.24 9.24 10.67
CA GLU B 134 17.01 8.63 11.98
C GLU B 134 16.23 9.54 12.94
N SER B 135 16.46 10.84 12.82
CA SER B 135 15.78 11.81 13.65
C SER B 135 15.31 12.95 12.76
N PRO B 136 14.20 12.75 12.04
CA PRO B 136 13.65 13.75 11.13
C PRO B 136 13.65 15.14 11.75
N ALA B 137 13.90 16.16 10.93
CA ALA B 137 13.92 17.54 11.39
C ALA B 137 12.52 18.11 11.27
N PHE B 138 12.10 18.86 12.28
CA PHE B 138 10.76 19.43 12.24
C PHE B 138 10.49 20.20 10.95
N ALA B 139 11.53 20.75 10.34
CA ALA B 139 11.36 21.51 9.09
C ALA B 139 11.01 20.62 7.89
N ARG B 140 11.12 19.30 8.04
CA ARG B 140 10.78 18.42 6.93
C ARG B 140 9.47 17.68 7.17
N THR B 141 9.16 17.41 8.45
CA THR B 141 7.93 16.72 8.82
C THR B 141 6.76 17.71 8.82
N ASN B 142 7.10 18.96 9.13
CA ASN B 142 6.13 20.07 9.16
C ASN B 142 6.72 21.33 8.51
N PRO B 143 6.92 21.29 7.18
CA PRO B 143 7.48 22.38 6.36
C PRO B 143 6.66 23.67 6.12
N GLY B 144 5.46 23.76 6.69
CA GLY B 144 4.66 24.96 6.52
C GLY B 144 3.99 25.15 5.17
N GLU B 145 3.66 26.40 4.83
CA GLU B 145 2.96 26.67 3.58
C GLU B 145 3.87 26.56 2.37
N GLN B 146 5.17 26.65 2.60
CA GLN B 146 6.11 26.58 1.51
C GLN B 146 6.42 25.14 1.17
N GLY B 147 6.07 24.23 2.06
CA GLY B 147 6.34 22.83 1.80
C GLY B 147 7.82 22.54 1.74
N ALA B 148 8.14 21.29 1.42
CA ALA B 148 9.52 20.85 1.35
C ALA B 148 9.82 20.08 0.08
N ALA B 149 11.11 20.01 -0.25
CA ALA B 149 11.56 19.33 -1.46
C ALA B 149 11.91 17.88 -1.20
N TYR B 150 11.69 17.05 -2.22
CA TYR B 150 12.00 15.62 -2.14
C TYR B 150 13.50 15.39 -2.27
N GLN B 151 14.02 14.46 -1.47
CA GLN B 151 15.44 14.14 -1.53
C GLN B 151 15.60 12.71 -2.02
N PHE B 152 14.60 11.88 -1.74
CA PHE B 152 14.61 10.48 -2.15
C PHE B 152 13.25 10.16 -2.78
N PRO B 153 13.01 10.67 -3.99
CA PRO B 153 11.71 10.36 -4.59
C PRO B 153 11.48 8.91 -4.98
N PHE B 154 12.55 8.21 -5.32
CA PHE B 154 12.44 6.81 -5.74
C PHE B 154 11.98 5.90 -4.60
N THR B 155 12.40 6.19 -3.39
CA THR B 155 11.97 5.38 -2.27
C THR B 155 10.85 6.08 -1.48
N PHE B 156 10.25 7.11 -2.10
CA PHE B 156 9.11 7.86 -1.53
C PHE B 156 9.33 8.48 -0.15
N GLU B 157 10.59 8.59 0.26
CA GLU B 157 10.97 9.13 1.57
C GLU B 157 10.53 8.25 2.74
N ASP B 158 9.99 7.06 2.45
CA ASP B 158 9.52 6.16 3.50
C ASP B 158 9.88 4.69 3.31
N GLY B 159 10.84 4.42 2.44
CA GLY B 159 11.27 3.04 2.25
C GLY B 159 10.38 2.16 1.38
N THR B 160 9.49 2.78 0.59
CA THR B 160 8.64 2.04 -0.33
C THR B 160 9.00 2.41 -1.78
N ALA B 161 8.37 1.77 -2.75
CA ALA B 161 8.62 2.02 -4.17
C ALA B 161 7.74 3.14 -4.67
N LEU B 162 8.35 4.15 -5.28
CA LEU B 162 7.58 5.26 -5.83
C LEU B 162 6.50 4.69 -6.77
N GLY B 163 6.87 3.73 -7.62
CA GLY B 163 5.93 3.14 -8.56
C GLY B 163 4.64 2.59 -7.97
N ASN B 164 4.69 2.17 -6.71
CA ASN B 164 3.49 1.62 -6.02
C ASN B 164 2.69 2.67 -5.25
N ALA B 165 3.05 3.93 -5.40
CA ALA B 165 2.35 5.00 -4.73
C ALA B 165 0.99 5.21 -5.38
N LEU B 166 0.73 4.51 -6.49
CA LEU B 166 -0.56 4.64 -7.17
C LEU B 166 -1.65 3.89 -6.43
N ILE B 167 -1.29 3.23 -5.33
CA ILE B 167 -2.26 2.52 -4.49
C ILE B 167 -3.00 3.57 -3.67
N TYR B 168 -2.48 4.80 -3.67
CA TYR B 168 -3.08 5.95 -2.97
C TYR B 168 -3.82 6.84 -4.00
N PRO B 169 -4.77 7.69 -3.56
CA PRO B 169 -5.51 8.56 -4.48
C PRO B 169 -4.56 9.45 -5.29
N HIS B 170 -4.71 9.44 -6.61
CA HIS B 170 -3.80 10.23 -7.44
C HIS B 170 -4.31 10.51 -8.83
N GLN B 171 -3.61 11.44 -9.46
CA GLN B 171 -3.83 11.81 -10.85
C GLN B 171 -2.45 12.13 -11.40
N TRP B 172 -2.36 12.30 -12.72
CA TRP B 172 -1.09 12.63 -13.33
C TRP B 172 -1.30 13.95 -14.09
N VAL B 173 -0.24 14.76 -14.17
CA VAL B 173 -0.33 15.96 -15.00
C VAL B 173 0.66 15.63 -16.13
N ASN B 174 0.14 15.12 -17.25
CA ASN B 174 0.95 14.78 -18.44
C ASN B 174 0.74 15.97 -19.37
N LEU B 175 1.76 16.82 -19.50
CA LEU B 175 1.64 18.05 -20.29
C LEU B 175 0.93 17.94 -21.64
N ARG B 176 1.08 16.83 -22.35
CA ARG B 176 0.38 16.68 -23.63
C ARG B 176 -1.13 16.49 -23.48
N THR B 177 -1.54 16.04 -22.29
CA THR B 177 -2.95 15.75 -21.99
C THR B 177 -3.71 16.72 -21.08
N ASN B 178 -3.10 17.15 -19.98
CA ASN B 178 -3.77 18.04 -19.04
C ASN B 178 -2.86 19.06 -18.36
N ASN B 179 -3.46 20.16 -17.89
CA ASN B 179 -2.66 21.16 -17.20
C ASN B 179 -3.03 21.21 -15.72
N SER B 180 -3.81 20.24 -15.27
CA SER B 180 -4.23 20.21 -13.88
C SER B 180 -4.68 18.83 -13.39
N ALA B 181 -4.70 18.69 -12.06
CA ALA B 181 -5.13 17.46 -11.39
C ALA B 181 -6.10 17.90 -10.29
N THR B 182 -7.20 17.18 -10.09
CA THR B 182 -8.16 17.56 -9.05
C THR B 182 -8.53 16.38 -8.15
N LEU B 183 -8.34 16.56 -6.84
CA LEU B 183 -8.65 15.51 -5.88
C LEU B 183 -9.54 15.97 -4.72
N VAL B 184 -10.50 15.14 -4.35
CA VAL B 184 -11.40 15.41 -3.23
C VAL B 184 -11.04 14.32 -2.21
N LEU B 185 -10.58 14.69 -1.02
CA LEU B 185 -10.15 13.73 0.01
C LEU B 185 -11.06 13.71 1.25
N PRO B 186 -11.40 12.51 1.77
CA PRO B 186 -12.25 12.46 2.96
C PRO B 186 -11.33 12.43 4.19
N TYR B 187 -11.87 12.60 5.39
CA TYR B 187 -11.02 12.54 6.58
C TYR B 187 -10.69 11.08 6.83
N VAL B 188 -9.42 10.77 7.12
CA VAL B 188 -9.01 9.40 7.44
C VAL B 188 -8.20 9.43 8.73
N ASN B 189 -8.51 8.52 9.65
CA ASN B 189 -7.81 8.39 10.94
C ASN B 189 -8.41 7.21 11.73
N ALA B 190 -7.66 6.71 12.69
CA ALA B 190 -8.13 5.63 13.53
C ALA B 190 -8.84 6.25 14.74
N LEU B 191 -9.17 7.53 14.61
CA LEU B 191 -9.82 8.30 15.65
C LEU B 191 -10.97 9.14 15.07
N PRO B 192 -11.98 9.48 15.89
CA PRO B 192 -13.09 10.28 15.37
C PRO B 192 -12.64 11.69 15.05
N MET B 193 -11.64 12.13 15.79
CA MET B 193 -11.03 13.45 15.63
C MET B 193 -9.61 13.33 16.18
N ASP B 194 -8.83 14.39 16.02
CA ASP B 194 -7.44 14.41 16.44
C ASP B 194 -7.01 15.87 16.50
N SER B 195 -5.76 16.09 16.88
CA SER B 195 -5.17 17.43 16.99
C SER B 195 -4.61 17.85 15.64
N GLY B 196 -4.93 19.06 15.20
CA GLY B 196 -4.44 19.49 13.92
C GLY B 196 -3.00 19.97 13.93
N ILE B 197 -2.41 20.11 15.11
CA ILE B 197 -1.03 20.58 15.20
C ILE B 197 0.01 19.48 15.44
N ARG B 198 -0.43 18.37 16.03
CA ARG B 198 0.47 17.25 16.39
C ARG B 198 0.46 16.07 15.41
N HIS B 199 -0.50 16.07 14.48
CA HIS B 199 -0.66 14.98 13.52
C HIS B 199 -1.14 15.48 12.15
N ASN B 200 -0.46 15.05 11.09
CA ASN B 200 -0.83 15.41 9.73
C ASN B 200 -1.40 14.13 9.08
N ASN B 201 -2.69 14.17 8.75
CA ASN B 201 -3.40 13.02 8.19
C ASN B 201 -3.07 12.68 6.74
N TRP B 202 -2.86 13.70 5.93
CA TRP B 202 -2.57 13.51 4.52
C TRP B 202 -1.29 14.26 4.11
N THR B 203 -0.64 13.81 3.04
CA THR B 203 0.51 14.51 2.51
C THR B 203 0.18 14.63 1.02
N LEU B 204 0.46 15.77 0.43
CA LEU B 204 0.20 15.99 -1.00
C LEU B 204 1.55 16.15 -1.68
N SER B 205 1.93 15.22 -2.56
CA SER B 205 3.22 15.31 -3.26
C SER B 205 3.04 15.45 -4.77
N VAL B 206 3.95 16.22 -5.38
CA VAL B 206 3.99 16.44 -6.84
C VAL B 206 5.41 16.02 -7.18
N ILE B 207 5.54 14.84 -7.78
CA ILE B 207 6.86 14.31 -8.15
C ILE B 207 7.01 14.15 -9.66
N PRO B 208 8.11 14.68 -10.24
CA PRO B 208 8.28 14.53 -11.70
C PRO B 208 8.84 13.15 -12.07
N ILE B 209 8.09 12.39 -12.88
CA ILE B 209 8.55 11.05 -13.28
C ILE B 209 9.15 11.06 -14.70
N VAL B 210 8.76 12.05 -15.50
CA VAL B 210 9.31 12.24 -16.84
C VAL B 210 9.71 13.72 -16.82
N PRO B 211 11.03 14.01 -16.96
CA PRO B 211 11.62 15.35 -16.94
C PRO B 211 11.03 16.35 -17.93
N LEU B 212 11.05 17.62 -17.54
CA LEU B 212 10.53 18.69 -18.38
C LEU B 212 11.44 18.92 -19.58
N GLU B 213 10.88 18.81 -20.77
CA GLU B 213 11.64 19.00 -21.98
C GLU B 213 10.83 19.81 -22.94
N TYR B 214 11.49 20.43 -23.91
CA TYR B 214 10.79 21.26 -24.87
C TYR B 214 11.61 21.59 -26.10
N ALA B 215 10.91 22.09 -27.11
CA ALA B 215 11.60 22.49 -28.31
C ALA B 215 12.46 23.69 -27.97
N ALA B 216 13.67 23.67 -28.49
CA ALA B 216 14.65 24.74 -28.28
C ALA B 216 14.04 26.11 -28.39
N GLY B 217 14.28 26.94 -27.38
CA GLY B 217 13.75 28.29 -27.40
C GLY B 217 12.40 28.49 -26.72
N ALA B 218 11.72 27.41 -26.35
CA ALA B 218 10.43 27.53 -25.69
C ALA B 218 10.62 28.09 -24.27
N THR B 219 9.55 28.61 -23.68
CA THR B 219 9.64 29.14 -22.31
C THR B 219 10.17 28.04 -21.40
N THR B 220 11.13 28.39 -20.55
CA THR B 220 11.74 27.40 -19.65
C THR B 220 11.34 27.56 -18.21
N TYR B 221 10.69 28.67 -17.91
CA TYR B 221 10.25 28.97 -16.56
C TYR B 221 8.82 28.47 -16.39
N VAL B 222 8.69 27.29 -15.81
CA VAL B 222 7.41 26.63 -15.59
C VAL B 222 7.07 26.39 -14.12
N PRO B 223 6.12 27.15 -13.56
CA PRO B 223 5.76 26.96 -12.15
C PRO B 223 4.70 25.88 -11.91
N ILE B 224 4.60 25.48 -10.65
CA ILE B 224 3.63 24.50 -10.22
C ILE B 224 2.94 25.18 -9.05
N THR B 225 1.64 25.41 -9.17
CA THR B 225 0.88 26.06 -8.11
C THR B 225 -0.11 25.06 -7.51
N VAL B 226 -0.22 25.08 -6.20
CA VAL B 226 -1.10 24.18 -5.47
C VAL B 226 -2.17 25.02 -4.77
N THR B 227 -3.44 24.66 -4.94
CA THR B 227 -4.55 25.36 -4.28
C THR B 227 -5.43 24.35 -3.52
N ILE B 228 -5.55 24.56 -2.20
CA ILE B 228 -6.28 23.66 -1.31
C ILE B 228 -7.46 24.28 -0.55
N ALA B 229 -8.51 23.49 -0.35
CA ALA B 229 -9.68 23.96 0.38
C ALA B 229 -10.17 23.01 1.47
N PRO B 230 -10.28 23.51 2.72
CA PRO B 230 -10.77 22.61 3.77
C PRO B 230 -12.22 22.39 3.38
N MET B 231 -12.79 21.25 3.75
CA MET B 231 -14.16 20.98 3.41
C MET B 231 -14.84 20.11 4.46
N CYS B 232 -16.01 20.55 4.92
CA CYS B 232 -16.77 19.82 5.91
C CYS B 232 -15.96 19.65 7.19
N THR B 233 -15.45 20.76 7.71
CA THR B 233 -14.62 20.72 8.91
C THR B 233 -15.40 20.96 10.20
N GLU B 234 -14.86 20.48 11.32
CA GLU B 234 -15.47 20.74 12.62
C GLU B 234 -14.42 20.70 13.72
N TYR B 235 -14.57 21.56 14.72
CA TYR B 235 -13.58 21.62 15.79
C TYR B 235 -14.15 21.50 17.21
N ASN B 236 -13.38 20.89 18.09
CA ASN B 236 -13.80 20.71 19.48
C ASN B 236 -12.67 21.08 20.42
N GLY B 237 -13.01 21.29 21.70
CA GLY B 237 -11.99 21.62 22.70
C GLY B 237 -11.40 23.00 22.59
N LEU B 238 -12.26 24.01 22.59
CA LEU B 238 -11.82 25.40 22.49
C LEU B 238 -11.02 25.86 23.73
N ARG B 239 -10.00 26.66 23.50
CA ARG B 239 -9.15 27.23 24.54
C ARG B 239 -8.42 28.41 23.89
N ALA B 240 -7.21 28.71 24.34
CA ALA B 240 -6.44 29.79 23.75
C ALA B 240 -5.64 29.19 22.58
N ALA B 241 -5.07 30.04 21.73
CA ALA B 241 -4.31 29.54 20.57
C ALA B 241 -3.01 28.81 20.94
N VAL B 242 -2.75 27.70 20.26
CA VAL B 242 -1.55 26.90 20.49
C VAL B 242 -1.07 26.26 19.18
N THR B 243 0.24 26.28 18.93
CA THR B 243 0.86 25.66 17.75
C THR B 243 1.86 24.57 18.22
N GLN B 244 2.29 23.65 17.36
CA GLN B 244 3.23 22.63 17.82
C GLN B 244 4.57 23.24 18.13
N GLY C 1 -15.98 -39.81 34.79
CA GLY C 1 -15.10 -39.43 33.62
C GLY C 1 -15.59 -40.04 32.32
N ILE C 2 -15.58 -39.26 31.23
CA ILE C 2 -16.01 -39.70 29.88
C ILE C 2 -14.78 -40.35 29.24
N PRO C 3 -14.90 -41.60 28.73
CA PRO C 3 -13.73 -42.24 28.12
C PRO C 3 -13.22 -41.56 26.86
N THR C 4 -11.94 -41.23 26.85
CA THR C 4 -11.32 -40.57 25.72
C THR C 4 -10.05 -41.31 25.32
N LEU C 5 -9.60 -41.04 24.10
CA LEU C 5 -8.41 -41.66 23.55
C LEU C 5 -7.70 -40.55 22.76
N TYR C 6 -6.61 -40.02 23.29
CA TYR C 6 -5.93 -38.95 22.57
C TYR C 6 -5.12 -39.53 21.42
N THR C 7 -5.02 -38.73 20.37
CA THR C 7 -4.39 -39.17 19.13
C THR C 7 -3.11 -38.42 18.69
N PRO C 8 -2.44 -38.91 17.63
CA PRO C 8 -1.24 -38.26 17.12
C PRO C 8 -1.64 -36.83 16.74
N GLY C 9 -0.77 -35.86 17.04
CA GLY C 9 -1.10 -34.47 16.76
C GLY C 9 -1.22 -33.76 18.10
N SER C 10 -1.65 -34.49 19.12
CA SER C 10 -1.82 -33.91 20.45
C SER C 10 -0.57 -33.14 20.87
N GLY C 11 -0.78 -31.96 21.47
CA GLY C 11 0.32 -31.14 21.95
C GLY C 11 1.07 -30.33 20.90
N GLN C 12 0.90 -30.68 19.64
CA GLN C 12 1.62 -29.97 18.60
C GLN C 12 1.16 -28.52 18.42
N PHE C 13 2.07 -27.69 17.97
CA PHE C 13 1.80 -26.29 17.71
C PHE C 13 1.92 -26.09 16.20
N LEU C 14 0.80 -26.16 15.48
CA LEU C 14 0.77 -25.94 14.02
C LEU C 14 0.44 -24.43 13.85
N THR C 15 1.33 -23.66 13.25
CA THR C 15 1.08 -22.23 13.12
C THR C 15 -0.18 -21.83 12.38
N THR C 16 -0.75 -22.76 11.62
CA THR C 16 -1.98 -22.48 10.89
C THR C 16 -3.22 -23.12 11.56
N ASP C 17 -3.07 -23.64 12.78
CA ASP C 17 -4.21 -24.23 13.48
C ASP C 17 -5.31 -23.18 13.73
N ASP C 18 -6.47 -23.61 14.21
CA ASP C 18 -7.59 -22.69 14.40
C ASP C 18 -8.53 -23.20 15.47
N PHE C 19 -8.09 -23.12 16.72
CA PHE C 19 -8.88 -23.55 17.86
C PHE C 19 -9.38 -22.33 18.65
N GLN C 20 -10.36 -22.55 19.54
CA GLN C 20 -10.86 -21.46 20.39
C GLN C 20 -10.02 -21.57 21.64
N THR C 21 -9.54 -20.46 22.17
CA THR C 21 -8.72 -20.46 23.39
C THR C 21 -9.17 -19.43 24.43
N PRO C 22 -9.02 -19.74 25.72
CA PRO C 22 -9.45 -18.80 26.76
C PRO C 22 -8.85 -17.42 26.59
N CYS C 23 -9.68 -16.40 26.77
CA CYS C 23 -9.23 -15.02 26.65
C CYS C 23 -8.62 -14.58 27.97
N MET C 24 -7.57 -13.77 27.88
CA MET C 24 -6.86 -13.26 29.06
C MET C 24 -7.68 -12.22 29.84
N LEU C 25 -8.56 -11.53 29.12
CA LEU C 25 -9.42 -10.50 29.68
C LEU C 25 -10.83 -10.88 29.24
N PRO C 26 -11.42 -11.88 29.89
CA PRO C 26 -12.77 -12.41 29.60
C PRO C 26 -13.89 -11.37 29.43
N LYS C 27 -13.94 -10.38 30.32
CA LYS C 27 -14.98 -9.35 30.32
C LYS C 27 -14.65 -8.02 29.64
N PHE C 28 -13.51 -7.95 28.94
CA PHE C 28 -13.06 -6.72 28.27
C PHE C 28 -14.01 -6.26 27.15
N GLN C 29 -14.23 -4.96 27.06
CA GLN C 29 -15.12 -4.40 26.04
C GLN C 29 -14.37 -3.37 25.16
N PRO C 30 -14.03 -3.76 23.92
CA PRO C 30 -13.31 -2.90 22.99
C PRO C 30 -14.01 -1.62 22.59
N THR C 31 -13.24 -0.63 22.15
CA THR C 31 -13.80 0.64 21.69
C THR C 31 -14.71 0.34 20.49
N PRO C 32 -15.56 1.30 20.11
CA PRO C 32 -16.47 1.11 18.96
C PRO C 32 -15.74 1.06 17.60
N VAL C 33 -16.37 0.44 16.59
CA VAL C 33 -15.80 0.41 15.24
C VAL C 33 -16.35 1.68 14.57
N ILE C 34 -15.52 2.69 14.33
CA ILE C 34 -16.01 3.93 13.71
C ILE C 34 -15.96 3.89 12.18
N ASP C 35 -16.49 4.93 11.54
CA ASP C 35 -16.54 5.02 10.08
C ASP C 35 -15.21 5.53 9.53
N ILE C 36 -14.51 4.66 8.82
CA ILE C 36 -13.22 5.01 8.24
C ILE C 36 -13.26 4.62 6.76
N PRO C 37 -12.94 5.57 5.87
CA PRO C 37 -12.94 5.31 4.42
C PRO C 37 -11.87 4.30 4.01
N GLY C 38 -12.10 3.66 2.86
CA GLY C 38 -11.14 2.72 2.30
C GLY C 38 -10.94 1.34 2.91
N GLU C 39 -12.00 0.67 3.28
CA GLU C 39 -11.84 -0.66 3.85
C GLU C 39 -11.52 -1.71 2.78
N VAL C 40 -10.64 -2.64 3.12
CA VAL C 40 -10.28 -3.69 2.17
C VAL C 40 -10.62 -5.03 2.79
N LYS C 41 -11.19 -5.94 2.00
CA LYS C 41 -11.57 -7.25 2.51
C LYS C 41 -10.75 -8.41 2.02
N ASN C 42 -10.15 -8.25 0.86
CA ASN C 42 -9.38 -9.30 0.24
C ASN C 42 -8.21 -8.61 -0.47
N PHE C 43 -7.03 -9.23 -0.49
CA PHE C 43 -5.91 -8.56 -1.14
C PHE C 43 -5.96 -8.57 -2.66
N LEU C 44 -6.97 -9.22 -3.21
CA LEU C 44 -7.15 -9.26 -4.64
C LEU C 44 -7.63 -7.88 -5.07
N GLU C 45 -8.16 -7.11 -4.13
CA GLU C 45 -8.63 -5.77 -4.44
C GLU C 45 -7.42 -4.91 -4.73
N VAL C 46 -6.31 -5.22 -4.04
CA VAL C 46 -5.09 -4.44 -4.19
C VAL C 46 -4.25 -4.74 -5.44
N VAL C 47 -4.19 -6.01 -5.88
CA VAL C 47 -3.38 -6.33 -7.05
C VAL C 47 -4.05 -5.96 -8.38
N GLN C 48 -5.28 -5.47 -8.27
CA GLN C 48 -6.04 -5.04 -9.43
C GLN C 48 -5.80 -3.56 -9.71
N VAL C 49 -4.99 -2.91 -8.87
CA VAL C 49 -4.67 -1.51 -9.04
C VAL C 49 -3.40 -1.48 -9.87
N GLU C 50 -3.34 -0.61 -10.88
CA GLU C 50 -2.13 -0.52 -11.69
C GLU C 50 -1.01 0.16 -10.95
N SER C 51 0.20 -0.41 -11.04
CA SER C 51 1.38 0.18 -10.41
C SER C 51 2.48 0.18 -11.48
N LEU C 52 3.45 1.09 -11.36
CA LEU C 52 4.53 1.19 -12.34
C LEU C 52 5.55 0.03 -12.35
N VAL C 53 5.94 -0.42 -13.56
CA VAL C 53 6.91 -1.49 -13.78
C VAL C 53 8.30 -0.89 -13.96
N GLU C 54 9.29 -1.43 -13.24
CA GLU C 54 10.69 -0.96 -13.30
C GLU C 54 11.33 -1.63 -14.54
N ILE C 55 10.79 -1.28 -15.69
CA ILE C 55 11.20 -1.85 -16.97
C ILE C 55 12.60 -1.54 -17.50
N ASN C 56 13.12 -0.35 -17.21
CA ASN C 56 14.44 0.06 -17.67
C ASN C 56 15.55 -0.31 -16.67
N ASN C 57 15.62 -1.60 -16.32
CA ASN C 57 16.59 -2.06 -15.35
C ASN C 57 17.95 -2.32 -15.98
N VAL C 58 18.63 -1.25 -16.34
CA VAL C 58 19.96 -1.35 -16.94
C VAL C 58 20.96 -0.50 -16.14
N GLU C 59 22.25 -0.81 -16.25
CA GLU C 59 23.30 -0.08 -15.50
C GLU C 59 23.17 1.45 -15.54
N SER C 60 22.98 1.97 -16.74
CA SER C 60 22.83 3.40 -16.98
C SER C 60 21.58 4.05 -16.33
N ALA C 61 20.60 3.23 -15.93
CA ALA C 61 19.37 3.74 -15.32
C ALA C 61 19.33 3.71 -13.78
N GLU C 62 19.19 4.88 -13.17
CA GLU C 62 19.15 4.94 -11.72
C GLU C 62 17.91 5.67 -11.22
N GLY C 63 17.30 5.12 -10.17
CA GLY C 63 16.13 5.73 -9.58
C GLY C 63 14.94 5.84 -10.49
N VAL C 64 14.23 6.96 -10.37
CA VAL C 64 13.02 7.23 -11.15
C VAL C 64 13.13 6.88 -12.65
N ALA C 65 14.31 7.04 -13.21
CA ALA C 65 14.56 6.73 -14.62
C ALA C 65 14.35 5.26 -14.99
N ARG C 66 14.32 4.37 -14.01
CA ARG C 66 14.13 2.96 -14.33
C ARG C 66 12.68 2.64 -14.70
N TYR C 67 11.80 3.63 -14.59
CA TYR C 67 10.38 3.47 -14.92
C TYR C 67 10.10 3.95 -16.36
N ARG C 68 11.10 4.53 -17.00
CA ARG C 68 10.91 5.03 -18.34
C ARG C 68 11.41 4.22 -19.53
N ILE C 69 10.48 3.87 -20.40
CA ILE C 69 10.78 3.15 -21.65
C ILE C 69 11.18 4.26 -22.62
N PRO C 70 12.34 4.11 -23.27
CA PRO C 70 12.73 5.17 -24.19
C PRO C 70 12.33 5.01 -25.68
N LEU C 71 11.73 6.06 -26.24
CA LEU C 71 11.35 6.11 -27.67
C LEU C 71 12.22 7.17 -28.33
N ASN C 72 12.41 7.05 -29.64
CA ASN C 72 13.18 8.05 -30.35
C ASN C 72 13.00 7.90 -31.86
N VAL C 73 13.13 9.02 -32.56
CA VAL C 73 12.94 9.03 -33.99
C VAL C 73 13.91 8.09 -34.66
N GLN C 74 13.34 7.14 -35.38
CA GLN C 74 14.10 6.13 -36.10
C GLN C 74 14.51 6.61 -37.47
N ASP C 75 15.45 5.87 -38.06
CA ASP C 75 15.95 6.14 -39.41
C ASP C 75 16.04 4.75 -40.06
N ALA C 76 15.35 3.81 -39.41
CA ALA C 76 15.24 2.43 -39.84
C ALA C 76 13.83 1.99 -39.46
N MET C 77 13.33 0.93 -40.07
CA MET C 77 11.98 0.48 -39.80
C MET C 77 11.83 -0.85 -39.09
N ASP C 78 10.64 -1.07 -38.54
CA ASP C 78 10.28 -2.28 -37.84
C ASP C 78 11.12 -2.62 -36.61
N GLY C 79 11.86 -1.65 -36.08
CA GLY C 79 12.70 -1.93 -34.92
C GLY C 79 12.05 -2.26 -33.59
N GLN C 80 12.81 -2.92 -32.72
CA GLN C 80 12.36 -3.31 -31.37
C GLN C 80 12.53 -2.22 -30.31
N ILE C 81 11.54 -2.08 -29.44
CA ILE C 81 11.58 -1.09 -28.36
C ILE C 81 11.90 -1.72 -27.00
N MET C 82 11.21 -2.81 -26.64
CA MET C 82 11.48 -3.46 -25.37
C MET C 82 11.04 -4.93 -25.41
N ALA C 83 11.39 -5.67 -24.35
CA ALA C 83 11.01 -7.08 -24.23
C ALA C 83 11.04 -7.44 -22.75
N LEU C 84 10.18 -8.37 -22.34
CA LEU C 84 10.12 -8.81 -20.94
C LEU C 84 9.29 -10.10 -20.81
N ARG C 85 9.56 -10.89 -19.76
CA ARG C 85 8.78 -12.10 -19.52
C ARG C 85 7.53 -11.63 -18.78
N VAL C 86 6.34 -12.16 -19.12
CA VAL C 86 5.12 -11.71 -18.42
C VAL C 86 4.92 -12.32 -17.04
N ASP C 87 5.69 -13.35 -16.69
CA ASP C 87 5.58 -14.02 -15.39
C ASP C 87 5.61 -12.99 -14.24
N PRO C 88 4.48 -12.82 -13.51
CA PRO C 88 4.44 -11.84 -12.41
C PRO C 88 5.21 -12.11 -11.12
N GLY C 89 5.63 -13.35 -10.87
CA GLY C 89 6.31 -13.60 -9.61
C GLY C 89 7.81 -13.83 -9.57
N ILE C 90 8.48 -13.71 -10.72
CA ILE C 90 9.93 -13.95 -10.79
C ILE C 90 10.74 -12.70 -10.67
N ASP C 91 12.02 -12.85 -10.39
CA ASP C 91 12.87 -11.69 -10.24
C ASP C 91 12.95 -10.91 -11.53
N GLY C 92 13.04 -9.59 -11.39
CA GLY C 92 13.11 -8.72 -12.54
C GLY C 92 12.23 -7.47 -12.41
N PRO C 93 11.94 -6.77 -13.52
CA PRO C 93 11.11 -5.56 -13.51
C PRO C 93 9.80 -5.59 -12.73
N MET C 94 9.16 -6.74 -12.65
CA MET C 94 7.87 -6.82 -11.96
C MET C 94 7.86 -7.12 -10.47
N GLN C 95 9.01 -7.43 -9.89
CA GLN C 95 9.07 -7.76 -8.47
C GLN C 95 8.82 -6.62 -7.46
N SER C 96 8.94 -5.38 -7.91
CA SER C 96 8.72 -4.27 -6.98
C SER C 96 7.37 -3.63 -7.18
N THR C 97 6.52 -4.25 -8.01
CA THR C 97 5.17 -3.74 -8.28
C THR C 97 4.21 -4.32 -7.25
N LEU C 98 2.98 -3.81 -7.19
CA LEU C 98 1.98 -4.33 -6.25
C LEU C 98 1.66 -5.77 -6.65
N LEU C 99 1.38 -6.00 -7.94
CA LEU C 99 1.07 -7.34 -8.45
C LEU C 99 2.18 -8.33 -8.03
N GLY C 100 3.42 -7.89 -8.16
CA GLY C 100 4.58 -8.71 -7.84
C GLY C 100 4.84 -9.01 -6.37
N VAL C 101 4.75 -8.01 -5.52
CA VAL C 101 4.96 -8.19 -4.11
C VAL C 101 3.98 -9.23 -3.60
N PHE C 102 2.72 -9.14 -4.03
CA PHE C 102 1.70 -10.11 -3.61
C PHE C 102 1.81 -11.45 -4.30
N THR C 103 2.21 -11.49 -5.57
CA THR C 103 2.37 -12.77 -6.25
C THR C 103 3.49 -13.53 -5.53
N ARG C 104 4.47 -12.80 -5.02
CA ARG C 104 5.62 -13.36 -4.31
C ARG C 104 5.34 -13.81 -2.87
N TYR C 105 4.11 -13.58 -2.42
CA TYR C 105 3.68 -13.97 -1.09
C TYR C 105 2.94 -15.30 -1.22
N TYR C 106 2.75 -15.73 -2.47
CA TYR C 106 2.03 -16.98 -2.78
C TYR C 106 2.85 -17.88 -3.72
N ALA C 107 2.48 -19.16 -3.79
CA ALA C 107 3.20 -20.11 -4.64
C ALA C 107 2.58 -20.41 -6.00
N GLN C 108 1.31 -20.07 -6.19
CA GLN C 108 0.68 -20.34 -7.49
C GLN C 108 -0.22 -19.18 -7.89
N TRP C 109 -0.34 -18.94 -9.20
CA TRP C 109 -1.17 -17.85 -9.69
C TRP C 109 -1.96 -18.26 -10.92
N SER C 110 -3.00 -17.49 -11.23
CA SER C 110 -3.84 -17.73 -12.40
C SER C 110 -4.60 -16.46 -12.81
N GLY C 111 -4.67 -16.20 -14.12
CA GLY C 111 -5.40 -15.02 -14.58
C GLY C 111 -4.79 -14.19 -15.70
N SER C 112 -5.63 -13.34 -16.29
CA SER C 112 -5.19 -12.45 -17.35
C SER C 112 -4.53 -11.25 -16.69
N LEU C 113 -3.55 -10.65 -17.35
CA LEU C 113 -2.88 -9.49 -16.79
C LEU C 113 -3.21 -8.25 -17.62
N ASP C 114 -3.23 -7.11 -16.95
CA ASP C 114 -3.50 -5.83 -17.57
C ASP C 114 -2.18 -5.07 -17.70
N PHE C 115 -1.75 -4.83 -18.94
CA PHE C 115 -0.53 -4.08 -19.22
C PHE C 115 -0.97 -2.81 -19.93
N THR C 116 -0.93 -1.70 -19.20
CA THR C 116 -1.31 -0.41 -19.75
C THR C 116 -0.08 0.47 -19.95
N PHE C 117 0.00 1.11 -21.11
CA PHE C 117 1.11 1.98 -21.46
C PHE C 117 0.64 3.41 -21.69
N MET C 118 1.35 4.38 -21.11
CA MET C 118 0.98 5.80 -21.30
C MET C 118 2.12 6.57 -21.97
N PHE C 119 1.81 7.29 -23.06
CA PHE C 119 2.83 8.07 -23.76
C PHE C 119 2.97 9.44 -23.15
N CYS C 120 4.23 9.88 -23.02
CA CYS C 120 4.52 11.16 -22.42
C CYS C 120 5.28 12.15 -23.31
N GLY C 121 5.23 11.98 -24.63
CA GLY C 121 5.93 12.89 -25.52
C GLY C 121 5.12 14.18 -25.62
N THR C 122 5.58 15.16 -26.40
CA THR C 122 4.82 16.40 -26.56
C THR C 122 3.54 16.11 -27.33
N PHE C 123 2.58 17.02 -27.20
CA PHE C 123 1.29 16.92 -27.90
C PHE C 123 1.48 16.77 -29.42
N MET C 124 2.56 17.35 -29.96
CA MET C 124 2.82 17.30 -31.38
C MET C 124 3.58 16.05 -31.82
N THR C 125 4.08 15.27 -30.88
CA THR C 125 4.80 14.04 -31.21
C THR C 125 3.83 12.89 -31.50
N THR C 126 3.93 12.29 -32.68
CA THR C 126 3.04 11.19 -33.06
C THR C 126 3.78 9.87 -33.18
N GLY C 127 3.02 8.80 -33.36
CA GLY C 127 3.63 7.51 -33.52
C GLY C 127 2.66 6.35 -33.45
N LYS C 128 3.10 5.20 -33.96
CA LYS C 128 2.32 3.97 -33.89
C LYS C 128 3.29 2.85 -33.43
N VAL C 129 2.93 2.12 -32.38
CA VAL C 129 3.78 1.02 -31.94
C VAL C 129 2.91 -0.23 -31.82
N ILE C 130 3.51 -1.40 -31.99
CA ILE C 130 2.77 -2.64 -31.87
C ILE C 130 3.29 -3.32 -30.61
N ILE C 131 2.38 -3.79 -29.75
CA ILE C 131 2.77 -4.49 -28.52
C ILE C 131 2.21 -5.90 -28.65
N ALA C 132 3.07 -6.88 -28.43
CA ALA C 132 2.63 -8.27 -28.58
C ALA C 132 2.91 -9.19 -27.40
N TYR C 133 2.02 -10.18 -27.24
CA TYR C 133 2.16 -11.21 -26.21
C TYR C 133 2.40 -12.53 -26.94
N THR C 134 3.58 -13.12 -26.74
CA THR C 134 3.90 -14.37 -27.40
C THR C 134 3.75 -15.55 -26.43
N PRO C 135 2.80 -16.48 -26.69
CA PRO C 135 2.62 -17.64 -25.79
C PRO C 135 3.82 -18.59 -25.78
N PRO C 136 3.97 -19.40 -24.71
CA PRO C 136 5.06 -20.35 -24.54
C PRO C 136 5.35 -21.28 -25.71
N GLY C 137 6.59 -21.75 -25.76
CA GLY C 137 7.00 -22.65 -26.82
C GLY C 137 8.44 -22.46 -27.22
N GLY C 138 8.82 -21.21 -27.49
CA GLY C 138 10.18 -20.91 -27.90
C GLY C 138 10.75 -19.74 -27.14
N ASP C 139 11.54 -18.91 -27.81
CA ASP C 139 12.15 -17.76 -27.15
C ASP C 139 11.39 -16.51 -27.59
N GLN C 140 11.73 -15.37 -27.02
CA GLN C 140 11.06 -14.14 -27.41
C GLN C 140 11.20 -13.98 -28.94
N PRO C 141 10.20 -13.38 -29.59
CA PRO C 141 10.30 -13.20 -31.03
C PRO C 141 11.53 -12.36 -31.44
N THR C 142 12.11 -12.66 -32.59
CA THR C 142 13.29 -11.96 -33.07
C THR C 142 13.06 -10.72 -33.94
N ASN C 143 11.87 -10.62 -34.52
CA ASN C 143 11.53 -9.47 -35.37
C ASN C 143 10.04 -9.15 -35.27
N ARG C 144 9.63 -8.01 -35.81
CA ARG C 144 8.21 -7.66 -35.75
C ARG C 144 7.32 -8.72 -36.40
N ARG C 145 7.77 -9.26 -37.54
CA ARG C 145 7.01 -10.26 -38.25
C ARG C 145 6.64 -11.46 -37.38
N GLN C 146 7.60 -11.93 -36.59
CA GLN C 146 7.32 -13.07 -35.73
C GLN C 146 6.41 -12.71 -34.58
N ALA C 147 6.57 -11.47 -34.08
CA ALA C 147 5.77 -10.98 -32.96
C ALA C 147 4.31 -10.78 -33.28
N MET C 148 4.02 -10.20 -34.44
CA MET C 148 2.63 -9.96 -34.82
C MET C 148 1.81 -11.24 -35.10
N LEU C 149 2.45 -12.39 -35.08
CA LEU C 149 1.73 -13.63 -35.31
C LEU C 149 1.08 -14.08 -34.00
N GLY C 150 1.37 -13.37 -32.94
CA GLY C 150 0.78 -13.65 -31.64
C GLY C 150 -0.29 -12.63 -31.28
N THR C 151 -0.65 -12.56 -30.00
CA THR C 151 -1.64 -11.61 -29.51
C THR C 151 -1.01 -10.22 -29.45
N HIS C 152 -1.61 -9.27 -30.15
CA HIS C 152 -1.07 -7.91 -30.18
C HIS C 152 -2.12 -6.82 -30.24
N VAL C 153 -1.63 -5.59 -30.10
CA VAL C 153 -2.46 -4.38 -30.13
C VAL C 153 -1.62 -3.34 -30.87
N VAL C 154 -2.21 -2.63 -31.83
CA VAL C 154 -1.50 -1.55 -32.51
C VAL C 154 -2.01 -0.27 -31.85
N TRP C 155 -1.07 0.50 -31.30
CA TRP C 155 -1.34 1.73 -30.55
C TRP C 155 -1.08 3.03 -31.31
N ASP C 156 -2.08 3.89 -31.38
CA ASP C 156 -1.94 5.15 -32.11
C ASP C 156 -1.90 6.31 -31.12
N PHE C 157 -0.83 7.09 -31.14
CA PHE C 157 -0.69 8.23 -30.23
C PHE C 157 -1.72 9.31 -30.53
N GLY C 158 -2.28 9.88 -29.48
CA GLY C 158 -3.29 10.91 -29.66
C GLY C 158 -3.80 11.47 -28.34
N LEU C 159 -5.02 12.02 -28.34
CA LEU C 159 -5.57 12.64 -27.13
C LEU C 159 -5.68 11.61 -26.01
N GLN C 160 -6.12 10.40 -26.35
CA GLN C 160 -6.22 9.32 -25.37
C GLN C 160 -4.78 8.89 -25.28
N SER C 161 -4.15 9.28 -24.19
CA SER C 161 -2.74 9.02 -23.94
C SER C 161 -2.28 7.58 -23.80
N SER C 162 -3.18 6.71 -23.36
CA SER C 162 -2.80 5.34 -23.10
C SER C 162 -3.48 4.24 -23.88
N ILE C 163 -2.95 3.03 -23.73
CA ILE C 163 -3.51 1.85 -24.40
C ILE C 163 -3.29 0.61 -23.53
N THR C 164 -4.24 -0.31 -23.57
CA THR C 164 -4.10 -1.53 -22.78
C THR C 164 -3.84 -2.76 -23.65
N LEU C 165 -2.93 -3.60 -23.15
CA LEU C 165 -2.61 -4.87 -23.81
C LEU C 165 -2.96 -5.90 -22.77
N VAL C 166 -4.01 -6.66 -23.03
CA VAL C 166 -4.41 -7.71 -22.12
C VAL C 166 -3.63 -8.96 -22.51
N VAL C 167 -2.91 -9.51 -21.54
CA VAL C 167 -2.18 -10.75 -21.74
C VAL C 167 -3.16 -11.75 -21.14
N PRO C 168 -4.01 -12.36 -21.98
CA PRO C 168 -5.01 -13.31 -21.51
C PRO C 168 -4.41 -14.59 -20.93
N TRP C 169 -5.17 -15.20 -20.03
CA TRP C 169 -4.75 -16.44 -19.42
C TRP C 169 -4.86 -17.54 -20.46
N ILE C 170 -3.70 -17.98 -20.92
CA ILE C 170 -3.61 -19.08 -21.87
C ILE C 170 -2.58 -19.99 -21.17
N SER C 171 -3.07 -21.08 -20.59
CA SER C 171 -2.17 -22.01 -19.92
C SER C 171 -2.67 -23.44 -20.10
N SER C 172 -1.78 -24.40 -19.95
CA SER C 172 -2.20 -25.79 -20.05
C SER C 172 -2.97 -26.13 -18.75
N GLY C 173 -2.43 -25.67 -17.62
CA GLY C 173 -3.06 -25.92 -16.34
C GLY C 173 -3.80 -24.74 -15.73
N HIS C 174 -4.70 -25.04 -14.80
CA HIS C 174 -5.49 -23.99 -14.17
C HIS C 174 -4.68 -22.97 -13.42
N PHE C 175 -3.48 -23.37 -12.96
CA PHE C 175 -2.57 -22.50 -12.22
C PHE C 175 -1.12 -22.67 -12.67
N ARG C 176 -0.29 -21.69 -12.31
CA ARG C 176 1.13 -21.74 -12.62
C ARG C 176 1.90 -21.48 -11.33
N GLY C 177 3.16 -21.87 -11.31
CA GLY C 177 3.97 -21.61 -10.14
C GLY C 177 4.42 -20.17 -10.22
N THR C 178 4.61 -19.52 -9.07
CA THR C 178 5.05 -18.14 -9.09
C THR C 178 6.55 -17.99 -9.35
N THR C 179 7.30 -19.07 -9.24
CA THR C 179 8.72 -18.98 -9.53
C THR C 179 9.05 -19.93 -10.65
N LEU C 180 10.15 -19.68 -11.36
CA LEU C 180 10.56 -20.57 -12.44
C LEU C 180 11.88 -21.22 -12.06
N GLU C 181 12.14 -21.28 -10.75
CA GLU C 181 13.34 -21.90 -10.17
C GLU C 181 13.43 -23.23 -10.91
N ASN C 182 14.54 -23.48 -11.59
CA ASN C 182 14.67 -24.68 -12.41
C ASN C 182 15.57 -25.77 -11.89
N THR C 183 16.72 -25.40 -11.35
CA THR C 183 17.69 -26.36 -10.86
C THR C 183 17.15 -27.45 -9.93
N ILE C 184 16.04 -27.20 -9.24
CA ILE C 184 15.49 -28.25 -8.36
C ILE C 184 14.16 -28.86 -8.78
N TYR C 185 13.15 -27.99 -8.82
CA TYR C 185 11.78 -28.35 -9.15
C TYR C 185 11.46 -28.42 -10.62
N LYS C 186 12.37 -27.92 -11.44
CA LYS C 186 12.18 -27.91 -12.87
C LYS C 186 10.91 -27.10 -13.22
N TYR C 187 10.75 -25.96 -12.53
CA TYR C 187 9.59 -25.06 -12.71
C TYR C 187 9.55 -24.16 -13.93
N ARG C 188 10.54 -24.30 -14.80
CA ARG C 188 10.60 -23.50 -16.03
C ARG C 188 9.49 -24.08 -16.92
N TYR C 189 8.89 -25.15 -16.41
CA TYR C 189 7.78 -25.86 -17.03
C TYR C 189 6.61 -24.88 -17.18
N TYR C 190 6.52 -23.97 -16.21
CA TYR C 190 5.47 -22.97 -16.10
C TYR C 190 5.63 -21.63 -16.82
N GLU C 191 6.76 -21.37 -17.49
CA GLU C 191 6.94 -20.06 -18.14
C GLU C 191 5.73 -19.64 -18.96
N ALA C 192 5.25 -18.42 -18.68
CA ALA C 192 4.06 -17.85 -19.30
C ALA C 192 4.21 -17.11 -20.64
N GLY C 193 5.43 -16.85 -21.09
CA GLY C 193 5.55 -16.16 -22.37
C GLY C 193 6.23 -14.80 -22.33
N TYR C 194 6.26 -14.14 -23.48
CA TYR C 194 6.92 -12.85 -23.58
C TYR C 194 6.03 -11.76 -24.09
N ILE C 195 6.42 -10.53 -23.78
CA ILE C 195 5.71 -9.34 -24.22
C ILE C 195 6.81 -8.46 -24.87
N THR C 196 6.68 -8.19 -26.18
CA THR C 196 7.65 -7.34 -26.90
C THR C 196 6.92 -6.12 -27.49
N MET C 197 7.65 -5.01 -27.69
CA MET C 197 7.11 -3.77 -28.28
C MET C 197 7.98 -3.43 -29.48
N TRP C 198 7.37 -3.00 -30.58
CA TRP C 198 8.11 -2.65 -31.80
C TRP C 198 7.51 -1.39 -32.46
N TYR C 199 8.29 -0.71 -33.28
CA TYR C 199 7.76 0.46 -33.98
C TYR C 199 6.83 -0.03 -35.08
N GLN C 200 5.59 0.47 -35.15
CA GLN C 200 4.69 0.05 -36.22
C GLN C 200 5.04 0.92 -37.45
N THR C 201 5.22 2.21 -37.20
CA THR C 201 5.63 3.19 -38.20
C THR C 201 6.90 3.86 -37.69
N ASN C 202 6.77 5.02 -37.04
CA ASN C 202 7.92 5.74 -36.51
C ASN C 202 7.43 6.85 -35.59
N MET C 203 8.29 7.36 -34.73
CA MET C 203 7.94 8.50 -33.87
C MET C 203 8.39 9.73 -34.66
N VAL C 204 7.45 10.58 -35.05
CA VAL C 204 7.76 11.75 -35.85
C VAL C 204 7.57 13.05 -35.06
N VAL C 205 8.54 13.95 -35.13
CA VAL C 205 8.47 15.23 -34.41
C VAL C 205 8.65 16.43 -35.34
N PRO C 206 8.13 17.61 -34.93
CA PRO C 206 8.25 18.82 -35.72
C PRO C 206 9.67 19.34 -35.55
N PRO C 207 10.03 20.42 -36.26
CA PRO C 207 11.40 20.93 -36.12
C PRO C 207 11.81 21.35 -34.71
N ASN C 208 13.04 21.01 -34.33
CA ASN C 208 13.57 21.38 -33.03
C ASN C 208 12.98 20.77 -31.78
N PHE C 209 12.12 19.77 -31.95
CA PHE C 209 11.52 19.12 -30.80
C PHE C 209 12.43 18.04 -30.25
N PRO C 210 12.17 17.60 -29.00
CA PRO C 210 12.97 16.54 -28.40
C PRO C 210 12.82 15.32 -29.33
N THR C 211 13.91 14.61 -29.64
CA THR C 211 13.79 13.47 -30.53
C THR C 211 13.65 12.17 -29.80
N THR C 212 13.56 12.25 -28.49
CA THR C 212 13.34 11.10 -27.63
C THR C 212 12.22 11.52 -26.63
N ALA C 213 11.36 10.57 -26.32
CA ALA C 213 10.26 10.79 -25.40
C ALA C 213 10.11 9.51 -24.57
N SER C 214 9.29 9.57 -23.53
CA SER C 214 9.12 8.43 -22.63
C SER C 214 7.74 7.75 -22.56
N ILE C 215 7.75 6.42 -22.36
CA ILE C 215 6.52 5.64 -22.20
C ILE C 215 6.56 5.07 -20.78
N LEU C 216 5.47 5.20 -20.04
CA LEU C 216 5.42 4.66 -18.68
C LEU C 216 4.66 3.33 -18.76
N MET C 217 5.06 2.34 -17.97
CA MET C 217 4.44 1.01 -18.00
C MET C 217 3.70 0.60 -16.75
N PHE C 218 2.39 0.39 -16.91
CA PHE C 218 1.50 0.01 -15.82
C PHE C 218 1.12 -1.47 -15.87
N VAL C 219 0.91 -2.07 -14.70
CA VAL C 219 0.50 -3.48 -14.65
C VAL C 219 -0.45 -3.78 -13.50
N ALA C 220 -1.43 -4.63 -13.78
CA ALA C 220 -2.41 -5.02 -12.76
C ALA C 220 -2.97 -6.37 -13.11
N ALA C 221 -3.70 -6.97 -12.17
CA ALA C 221 -4.33 -8.25 -12.44
C ALA C 221 -5.75 -8.02 -12.98
N GLN C 222 -6.23 -8.92 -13.82
CA GLN C 222 -7.59 -8.81 -14.33
C GLN C 222 -8.52 -9.40 -13.26
N PRO C 223 -9.83 -9.29 -13.46
CA PRO C 223 -10.84 -9.80 -12.53
C PRO C 223 -10.90 -11.32 -12.37
N ASN C 224 -10.16 -12.06 -13.20
CA ASN C 224 -10.20 -13.52 -13.09
C ASN C 224 -8.89 -14.06 -12.53
N PHE C 225 -8.13 -13.18 -11.87
CA PHE C 225 -6.83 -13.54 -11.27
C PHE C 225 -7.02 -13.97 -9.80
N SER C 226 -6.25 -14.96 -9.37
CA SER C 226 -6.33 -15.41 -8.00
C SER C 226 -5.00 -16.06 -7.61
N LEU C 227 -4.69 -16.09 -6.32
CA LEU C 227 -3.45 -16.68 -5.86
C LEU C 227 -3.74 -17.82 -4.89
N ARG C 228 -2.84 -18.79 -4.81
CA ARG C 228 -3.01 -19.91 -3.88
C ARG C 228 -1.71 -20.25 -3.17
N ILE C 229 -1.86 -20.75 -1.96
CA ILE C 229 -0.75 -21.16 -1.10
C ILE C 229 0.22 -20.07 -0.62
N LEU C 230 -0.11 -19.43 0.49
CA LEU C 230 0.72 -18.38 1.08
C LEU C 230 2.11 -18.88 1.45
N LYS C 231 3.11 -18.03 1.27
CA LYS C 231 4.50 -18.35 1.60
C LYS C 231 5.22 -17.02 1.94
N ASP C 232 6.32 -17.10 2.64
CA ASP C 232 7.04 -15.88 3.00
C ASP C 232 7.68 -15.15 1.83
N ARG C 233 7.45 -13.85 1.77
CA ARG C 233 8.00 -13.00 0.72
C ARG C 233 9.53 -13.10 0.83
N PRO C 234 10.19 -13.46 -0.26
CA PRO C 234 11.65 -13.61 -0.28
C PRO C 234 12.50 -12.36 -0.12
N ASP C 235 11.91 -11.19 -0.35
CA ASP C 235 12.70 -9.96 -0.26
C ASP C 235 12.86 -9.34 1.14
N ILE C 236 12.07 -9.81 2.10
CA ILE C 236 12.11 -9.29 3.48
C ILE C 236 12.94 -10.23 4.37
N SER C 237 14.09 -9.75 4.83
CA SER C 237 14.97 -10.56 5.67
C SER C 237 15.73 -9.72 6.68
N GLN C 238 16.41 -10.41 7.58
CA GLN C 238 17.22 -9.75 8.62
C GLN C 238 18.34 -10.69 9.08
N GLU C 239 19.40 -10.12 9.68
CA GLU C 239 20.52 -10.90 10.18
C GLU C 239 20.42 -11.15 11.69
N GLY C 240 19.52 -10.44 12.35
CA GLY C 240 19.33 -10.60 13.79
C GLY C 240 18.32 -9.61 14.32
N ALA C 241 17.80 -9.87 15.52
CA ALA C 241 16.81 -8.98 16.14
C ALA C 241 17.20 -7.52 15.98
N LEU C 242 16.22 -6.69 15.63
CA LEU C 242 16.51 -5.28 15.41
C LEU C 242 16.71 -4.49 16.70
N GLN C 243 17.68 -3.59 16.65
CA GLN C 243 18.03 -2.74 17.79
C GLN C 243 16.96 -1.68 17.98
N TYR D 27 -20.92 -30.51 10.16
CA TYR D 27 -19.93 -29.46 10.60
C TYR D 27 -20.35 -28.75 11.90
N THR D 28 -19.39 -28.27 12.69
CA THR D 28 -19.72 -27.59 13.96
C THR D 28 -18.97 -26.31 14.33
N ASN D 29 -19.73 -25.26 14.56
CA ASN D 29 -19.19 -23.96 14.95
C ASN D 29 -20.01 -23.45 16.13
N ILE D 30 -19.56 -23.79 17.32
CA ILE D 30 -20.22 -23.39 18.56
C ILE D 30 -19.16 -22.80 19.50
N ASN D 31 -19.50 -21.70 20.18
CA ASN D 31 -18.57 -21.01 21.08
C ASN D 31 -18.52 -21.53 22.54
N TYR D 32 -17.32 -21.80 23.04
CA TYR D 32 -17.16 -22.30 24.41
C TYR D 32 -16.86 -21.20 25.42
N TYR D 33 -16.06 -20.25 24.98
CA TYR D 33 -15.63 -19.18 25.84
C TYR D 33 -16.51 -17.95 25.86
N GLU D 34 -16.31 -17.13 26.89
CA GLU D 34 -17.09 -15.93 27.12
C GLU D 34 -16.84 -14.79 26.13
N ASN D 35 -15.58 -14.41 25.95
CA ASN D 35 -15.29 -13.29 25.05
C ASN D 35 -15.07 -13.70 23.60
N ALA D 36 -15.54 -12.85 22.70
CA ALA D 36 -15.40 -13.12 21.28
C ALA D 36 -13.95 -13.22 20.80
N ALA D 37 -13.00 -12.71 21.57
CA ALA D 37 -11.59 -12.80 21.17
C ALA D 37 -11.10 -14.27 21.20
N SER D 38 -11.84 -15.11 21.92
CA SER D 38 -11.50 -16.53 22.03
C SER D 38 -11.94 -17.31 20.78
N ASN D 39 -12.86 -16.73 20.04
CA ASN D 39 -13.39 -17.40 18.87
C ASN D 39 -12.34 -17.71 17.84
N SER D 40 -12.60 -18.74 17.04
CA SER D 40 -11.70 -19.15 15.98
C SER D 40 -11.76 -18.13 14.83
N LEU D 41 -10.91 -18.31 13.82
CA LEU D 41 -10.85 -17.40 12.69
C LEU D 41 -12.21 -17.23 11.96
N ASN D 42 -12.44 -16.06 11.37
CA ASN D 42 -13.70 -15.83 10.63
C ASN D 42 -13.65 -16.74 9.41
N LYS D 43 -14.81 -17.31 9.06
CA LYS D 43 -14.87 -18.20 7.91
C LYS D 43 -15.61 -17.57 6.71
N GLN D 44 -15.54 -16.24 6.58
CA GLN D 44 -16.19 -15.50 5.48
C GLN D 44 -15.09 -14.85 4.65
N ASP D 45 -14.45 -15.65 3.79
CA ASP D 45 -13.33 -15.19 2.98
C ASP D 45 -13.64 -14.86 1.55
N PHE D 46 -14.24 -13.70 1.34
CA PHE D 46 -14.57 -13.28 0.01
C PHE D 46 -13.84 -11.99 -0.31
N THR D 47 -14.07 -11.52 -1.53
CA THR D 47 -13.45 -10.30 -2.01
C THR D 47 -14.61 -9.40 -2.42
N GLN D 48 -14.32 -8.12 -2.62
CA GLN D 48 -15.34 -7.17 -3.03
C GLN D 48 -14.82 -6.34 -4.20
N ASP D 49 -15.71 -5.57 -4.81
CA ASP D 49 -15.35 -4.75 -5.96
C ASP D 49 -14.26 -3.79 -5.57
N PRO D 50 -13.17 -3.74 -6.35
CA PRO D 50 -12.05 -2.85 -6.07
C PRO D 50 -12.22 -1.40 -6.57
N GLU D 51 -13.39 -1.08 -7.14
CA GLU D 51 -13.67 0.26 -7.67
C GLU D 51 -13.22 1.47 -6.83
N LYS D 52 -13.34 1.39 -5.50
CA LYS D 52 -12.94 2.50 -4.63
C LYS D 52 -11.45 2.70 -4.72
N PHE D 53 -10.73 1.66 -5.14
CA PHE D 53 -9.28 1.76 -5.33
C PHE D 53 -8.89 1.88 -6.84
N THR D 54 -9.48 1.07 -7.71
CA THR D 54 -9.16 1.09 -9.14
C THR D 54 -9.78 2.19 -10.01
N ARG D 55 -10.94 2.73 -9.60
CA ARG D 55 -11.59 3.80 -10.37
C ARG D 55 -12.37 4.80 -9.52
N PRO D 56 -11.68 5.53 -8.60
CA PRO D 56 -12.23 6.54 -7.69
C PRO D 56 -12.43 7.90 -8.36
N VAL D 57 -13.13 7.90 -9.48
CA VAL D 57 -13.36 9.11 -10.25
C VAL D 57 -14.82 9.49 -10.16
N VAL D 58 -15.10 10.77 -10.41
CA VAL D 58 -16.46 11.31 -10.35
C VAL D 58 -17.22 11.02 -11.64
N ASP D 59 -16.58 11.27 -12.78
CA ASP D 59 -17.25 11.06 -14.05
C ASP D 59 -17.02 9.67 -14.57
N VAL D 60 -18.12 9.00 -14.84
CA VAL D 60 -18.10 7.64 -15.36
C VAL D 60 -17.38 7.58 -16.72
N MET D 61 -16.47 6.61 -16.87
CA MET D 61 -15.78 6.44 -18.14
C MET D 61 -15.96 5.02 -18.64
N LYS D 62 -17.08 4.79 -19.30
CA LYS D 62 -17.41 3.49 -19.85
C LYS D 62 -16.28 2.88 -20.69
N GLU D 63 -16.15 1.56 -20.63
CA GLU D 63 -15.13 0.83 -21.37
C GLU D 63 -15.23 1.08 -22.87
N ALA D 64 -16.43 1.15 -23.40
CA ALA D 64 -16.58 1.34 -24.84
C ALA D 64 -16.29 2.74 -25.36
N ALA D 65 -16.23 3.70 -24.46
CA ALA D 65 -16.00 5.11 -24.81
C ALA D 65 -14.54 5.54 -24.75
N VAL D 66 -14.23 6.78 -25.11
CA VAL D 66 -12.85 7.24 -24.98
C VAL D 66 -12.89 7.90 -23.61
N PRO D 67 -11.83 7.75 -22.81
CA PRO D 67 -11.80 8.35 -21.47
C PRO D 67 -11.90 9.87 -21.41
N LEU D 68 -11.11 10.56 -22.21
CA LEU D 68 -11.09 12.02 -22.26
C LEU D 68 -11.93 12.56 -23.42
N LYS D 69 -13.02 13.25 -23.08
CA LYS D 69 -13.88 13.85 -24.10
C LYS D 69 -14.32 15.20 -23.58
#